data_8OW5
#
_entry.id   8OW5
#
_cell.length_a   76.734
_cell.length_b   77.478
_cell.length_c   144.804
_cell.angle_alpha   90.00
_cell.angle_beta   90.00
_cell.angle_gamma   90.00
#
_symmetry.space_group_name_H-M   'P 21 21 21'
#
loop_
_entity.id
_entity.type
_entity.pdbx_description
1 polymer 'Coenzyme A biosynthesis bifunctional protein CoaBC'
2 non-polymer "CYTIDINE-5'-TRIPHOSPHATE"
3 non-polymer 'CALCIUM ION'
4 non-polymer '5-methoxy-1H-indole-2-carboxylic acid'
#
_entity_poly.entity_id   1
_entity_poly.type   'polypeptide(L)'
_entity_poly.pdbx_seq_one_letter_code
;MAHHHHHHDMAGVKALVTAGGTREPLDPVRFIGNRSSGKQGYAVARVLAQRGADVTLIAGNTAGLIDPAGVEMVHIGSAT
QLRDAVSKHAPDANVLVMAAAVADFRPAHVAAAKIKKGASEPSSIDLVRNDDVLAGAVRARADGQLPNMRAIVGFAAETG
DANGDVLFHARAKLERKGCDLLVVNAVGENRAFEVDHNDGWLLSADGTESALEHGSKTLMATRIVDSIAAFLKSQDG
;
_entity_poly.pdbx_strand_id   A,B,C,D
#
# COMPACT_ATOMS: atom_id res chain seq x y z
N HIS A 8 18.86 -6.14 34.02
CA HIS A 8 18.72 -6.64 32.68
C HIS A 8 17.95 -7.90 32.76
N ASP A 9 16.68 -7.77 33.01
CA ASP A 9 15.82 -8.90 33.18
C ASP A 9 15.30 -9.40 31.88
N MET A 10 15.47 -8.60 30.86
CA MET A 10 14.95 -8.96 29.55
C MET A 10 16.06 -9.34 28.56
N ALA A 11 17.12 -9.96 29.06
CA ALA A 11 18.17 -10.42 28.15
C ALA A 11 17.61 -11.53 27.27
N GLY A 12 18.01 -11.53 26.00
CA GLY A 12 17.60 -12.61 25.13
C GLY A 12 16.12 -12.64 24.85
N VAL A 13 15.47 -11.48 24.84
CA VAL A 13 14.05 -11.40 24.60
C VAL A 13 13.83 -10.63 23.31
N LYS A 14 13.11 -11.26 22.40
CA LYS A 14 12.68 -10.63 21.16
C LYS A 14 11.31 -10.05 21.45
N ALA A 15 11.16 -8.74 21.24
CA ALA A 15 9.95 -8.03 21.60
C ALA A 15 9.45 -7.18 20.44
N LEU A 16 8.15 -7.27 20.16
CA LEU A 16 7.51 -6.54 19.07
C LEU A 16 6.48 -5.55 19.62
N VAL A 17 6.57 -4.29 19.14
CA VAL A 17 5.77 -3.18 19.65
C VAL A 17 5.17 -2.38 18.50
N THR A 18 3.93 -1.93 18.68
CA THR A 18 3.28 -1.00 17.77
C THR A 18 2.95 0.29 18.53
N ALA A 19 3.08 1.43 17.86
CA ALA A 19 2.82 2.67 18.56
C ALA A 19 2.32 3.73 17.59
N GLY A 20 1.43 4.61 18.08
CA GLY A 20 0.96 5.64 17.19
C GLY A 20 -0.29 5.21 16.45
N GLY A 21 -0.64 6.02 15.45
CA GLY A 21 -1.82 5.74 14.66
C GLY A 21 -1.71 5.44 13.18
N THR A 22 -2.73 4.79 12.62
CA THR A 22 -2.78 4.47 11.20
C THR A 22 -3.66 5.46 10.45
N ARG A 23 -3.42 5.55 9.14
CA ARG A 23 -4.10 6.50 8.27
C ARG A 23 -4.60 5.75 7.05
N GLU A 24 -5.89 5.82 6.82
CA GLU A 24 -6.52 5.12 5.71
C GLU A 24 -6.78 6.06 4.55
N PRO A 25 -6.08 5.91 3.41
CA PRO A 25 -6.25 6.86 2.31
C PRO A 25 -7.64 6.82 1.71
N LEU A 26 -8.12 8.00 1.34
CA LEU A 26 -9.31 8.23 0.55
C LEU A 26 -9.01 8.49 -0.91
N ASP A 27 -7.86 9.03 -1.13
CA ASP A 27 -7.30 9.51 -2.36
C ASP A 27 -5.91 9.86 -1.88
N PRO A 28 -5.06 10.44 -2.72
CA PRO A 28 -3.71 10.77 -2.26
C PRO A 28 -3.66 11.71 -1.06
N VAL A 29 -4.71 12.50 -0.82
CA VAL A 29 -4.66 13.65 0.09
C VAL A 29 -5.46 13.41 1.36
N ARG A 30 -6.72 13.03 1.22
CA ARG A 30 -7.61 12.86 2.36
C ARG A 30 -7.48 11.46 2.95
N PHE A 31 -7.76 11.37 4.25
CA PHE A 31 -7.59 10.11 4.96
C PHE A 31 -8.42 10.14 6.23
N ILE A 32 -8.45 9.04 6.96
CA ILE A 32 -9.21 8.98 8.17
C ILE A 32 -8.31 8.40 9.20
N GLY A 33 -8.19 9.08 10.32
CA GLY A 33 -7.39 8.57 11.40
C GLY A 33 -7.88 8.67 12.80
N ASN A 34 -6.96 8.63 13.76
CA ASN A 34 -7.28 8.65 15.15
C ASN A 34 -6.44 9.67 15.72
N ARG A 35 -6.48 9.80 17.02
CA ARG A 35 -5.78 10.87 17.63
C ARG A 35 -4.68 10.39 18.55
N SER A 36 -4.04 9.26 18.27
CA SER A 36 -2.92 8.86 19.11
C SER A 36 -1.61 9.56 18.95
N SER A 37 -0.92 9.77 20.06
CA SER A 37 0.40 10.40 20.08
C SER A 37 1.51 9.43 19.73
N GLY A 38 1.36 8.17 20.12
CA GLY A 38 2.43 7.21 20.10
C GLY A 38 3.28 7.20 21.34
N LYS A 39 3.11 8.20 22.19
CA LYS A 39 4.01 8.36 23.32
C LYS A 39 4.02 7.11 24.20
N GLN A 40 2.85 6.53 24.46
CA GLN A 40 2.81 5.38 25.35
C GLN A 40 3.65 4.25 24.79
N GLY A 41 3.52 3.96 23.50
CA GLY A 41 4.24 2.84 22.93
C GLY A 41 5.74 3.06 22.87
N TYR A 42 6.15 4.24 22.36
CA TYR A 42 7.57 4.58 22.34
C TYR A 42 8.19 4.42 23.73
N ALA A 43 7.43 4.78 24.77
CA ALA A 43 7.93 4.71 26.15
C ALA A 43 8.17 3.25 26.56
N VAL A 44 7.32 2.32 26.09
CA VAL A 44 7.51 0.94 26.49
C VAL A 44 8.65 0.32 25.73
N ALA A 45 8.71 0.57 24.43
CA ALA A 45 9.83 0.06 23.65
C ALA A 45 11.12 0.61 24.23
N ARG A 46 11.10 1.88 24.64
CA ARG A 46 12.29 2.43 25.26
C ARG A 46 12.63 1.70 26.55
N VAL A 47 11.64 1.53 27.43
CA VAL A 47 11.91 0.83 28.68
C VAL A 47 12.31 -0.60 28.39
N LEU A 48 11.65 -1.22 27.43
CA LEU A 48 11.96 -2.58 27.03
C LEU A 48 13.42 -2.73 26.68
N ALA A 49 13.92 -1.85 25.82
CA ALA A 49 15.29 -1.92 25.38
C ALA A 49 16.25 -1.78 26.57
N GLN A 50 15.90 -0.94 27.54
CA GLN A 50 16.80 -0.71 28.67
C GLN A 50 17.09 -1.97 29.46
N ARG A 51 16.14 -2.86 29.46
CA ARG A 51 16.32 -4.04 30.27
C ARG A 51 16.85 -5.22 29.51
N GLY A 52 17.26 -5.03 28.28
CA GLY A 52 17.96 -6.03 27.51
C GLY A 52 17.26 -6.64 26.32
N ALA A 53 16.17 -6.05 25.85
CA ALA A 53 15.34 -6.70 24.85
C ALA A 53 15.76 -6.33 23.43
N ASP A 54 15.51 -7.28 22.52
CA ASP A 54 15.70 -7.12 21.08
C ASP A 54 14.39 -6.50 20.61
N VAL A 55 14.37 -5.18 20.43
CA VAL A 55 13.12 -4.44 20.27
C VAL A 55 12.95 -4.10 18.80
N THR A 56 11.73 -4.34 18.30
CA THR A 56 11.28 -3.87 16.99
C THR A 56 10.02 -3.04 17.18
N LEU A 57 10.04 -1.80 16.70
CA LEU A 57 8.92 -0.88 16.89
C LEU A 57 8.24 -0.64 15.55
N ILE A 58 7.01 -1.15 15.39
CA ILE A 58 6.21 -0.80 14.22
C ILE A 58 5.42 0.44 14.59
N ALA A 59 5.74 1.54 13.93
CA ALA A 59 5.32 2.86 14.36
C ALA A 59 4.48 3.56 13.30
N GLY A 60 3.30 3.97 13.69
CA GLY A 60 2.43 4.72 12.84
C GLY A 60 2.53 6.21 13.16
N ASN A 61 1.41 6.88 13.00
CA ASN A 61 1.47 8.34 12.99
C ASN A 61 1.76 8.84 14.40
N THR A 62 2.66 9.80 14.54
CA THR A 62 3.08 10.33 15.84
C THR A 62 3.01 11.83 15.87
N ALA A 63 3.49 12.46 16.93
CA ALA A 63 3.54 13.92 16.90
C ALA A 63 4.91 14.50 16.58
N GLY A 64 5.77 13.76 15.93
CA GLY A 64 7.03 14.31 15.52
C GLY A 64 8.01 13.66 16.38
N LEU A 65 7.61 12.54 16.90
CA LEU A 65 8.46 11.86 17.82
C LEU A 65 9.73 11.36 17.22
N ILE A 66 10.71 11.19 18.07
CA ILE A 66 12.00 10.76 17.66
C ILE A 66 12.11 9.31 17.89
N ASP A 67 12.68 8.62 16.92
CA ASP A 67 12.88 7.21 17.00
C ASP A 67 13.72 6.86 18.18
N PRO A 68 13.27 5.90 18.96
CA PRO A 68 14.06 5.47 20.07
C PRO A 68 15.32 4.81 19.55
N ALA A 69 16.35 4.74 20.34
CA ALA A 69 17.59 4.22 19.80
C ALA A 69 17.83 2.80 20.22
N GLY A 70 18.64 2.04 19.46
CA GLY A 70 18.73 0.64 19.80
C GLY A 70 17.44 -0.10 19.57
N VAL A 71 16.50 0.54 18.90
CA VAL A 71 15.19 -0.01 18.60
C VAL A 71 15.09 -0.16 17.09
N GLU A 72 14.74 -1.36 16.65
CA GLU A 72 14.45 -1.58 15.25
C GLU A 72 13.11 -0.91 14.92
N MET A 73 13.14 0.02 13.99
CA MET A 73 11.96 0.81 13.68
C MET A 73 11.36 0.34 12.34
N VAL A 74 10.04 0.31 12.28
CA VAL A 74 9.33 0.09 11.02
C VAL A 74 8.22 1.11 10.95
N HIS A 75 8.16 1.85 9.86
CA HIS A 75 7.21 2.93 9.73
C HIS A 75 6.13 2.52 8.77
N ILE A 76 4.90 2.82 9.12
CA ILE A 76 3.76 2.39 8.35
C ILE A 76 2.79 3.56 8.23
N GLY A 77 1.82 3.40 7.36
CA GLY A 77 0.77 4.39 7.30
C GLY A 77 -0.59 3.76 7.45
N SER A 78 -0.96 2.87 6.54
CA SER A 78 -2.30 2.35 6.68
C SER A 78 -2.30 1.27 7.74
N ALA A 79 -3.49 0.86 8.15
CA ALA A 79 -3.58 -0.27 9.04
C ALA A 79 -3.30 -1.58 8.32
N THR A 80 -3.65 -1.71 7.03
CA THR A 80 -3.23 -2.93 6.36
C THR A 80 -1.72 -2.98 6.29
N GLN A 81 -1.08 -1.85 6.13
CA GLN A 81 0.37 -1.88 6.17
C GLN A 81 0.84 -2.34 7.53
N LEU A 82 0.07 -2.09 8.58
CA LEU A 82 0.52 -2.56 9.88
C LEU A 82 0.33 -4.06 10.00
N ARG A 83 -0.84 -4.57 9.63
CA ARG A 83 -1.11 -5.99 9.79
C ARG A 83 -0.02 -6.81 9.14
N ASP A 84 0.28 -6.48 7.89
CA ASP A 84 1.32 -7.13 7.14
C ASP A 84 2.68 -6.87 7.76
N ALA A 85 2.87 -5.72 8.37
CA ALA A 85 4.13 -5.50 9.07
C ALA A 85 4.24 -6.40 10.29
N VAL A 86 3.15 -6.54 11.05
CA VAL A 86 3.20 -7.36 12.25
C VAL A 86 3.35 -8.84 11.91
N SER A 87 2.66 -9.31 10.86
CA SER A 87 2.74 -10.71 10.44
C SER A 87 4.15 -11.15 10.05
N LYS A 88 4.88 -10.31 9.31
CA LYS A 88 6.23 -10.69 8.91
C LYS A 88 7.14 -10.89 10.11
N HIS A 89 7.02 -10.01 11.11
CA HIS A 89 7.94 -9.98 12.24
C HIS A 89 7.50 -10.83 13.43
N ALA A 90 6.29 -11.37 13.41
CA ALA A 90 5.72 -12.00 14.60
C ALA A 90 6.37 -13.33 15.02
N PRO A 91 6.64 -14.27 14.11
CA PRO A 91 7.18 -15.57 14.57
C PRO A 91 8.56 -15.49 15.25
N ASP A 92 9.26 -14.37 15.16
CA ASP A 92 10.58 -14.23 15.79
C ASP A 92 10.51 -13.75 17.23
N ALA A 93 9.42 -13.09 17.60
CA ALA A 93 9.30 -12.39 18.86
C ALA A 93 8.83 -13.33 19.97
N ASN A 94 9.12 -12.96 21.18
CA ASN A 94 8.74 -13.71 22.31
C ASN A 94 7.61 -12.96 22.95
N VAL A 95 7.51 -11.67 22.67
CA VAL A 95 6.49 -10.80 23.24
C VAL A 95 5.98 -9.83 22.20
N LEU A 96 4.66 -9.61 22.21
CA LEU A 96 4.00 -8.64 21.34
C LEU A 96 3.23 -7.65 22.20
N VAL A 97 3.44 -6.36 21.94
CA VAL A 97 2.83 -5.28 22.71
C VAL A 97 2.10 -4.42 21.70
N MET A 98 0.79 -4.37 21.84
CA MET A 98 -0.04 -3.86 20.77
C MET A 98 -0.59 -2.51 21.17
N ALA A 99 0.31 -1.54 21.30
CA ALA A 99 -0.07 -0.20 21.74
C ALA A 99 -0.45 0.73 20.60
N ALA A 100 -0.62 0.19 19.39
CA ALA A 100 -1.05 0.98 18.25
C ALA A 100 -2.56 1.18 18.31
N ALA A 101 -3.00 2.41 18.02
CA ALA A 101 -4.44 2.68 17.88
C ALA A 101 -4.83 2.41 16.44
N VAL A 102 -5.26 1.20 16.16
CA VAL A 102 -5.49 0.74 14.79
C VAL A 102 -6.87 1.18 14.33
N ALA A 103 -6.98 1.60 13.07
CA ALA A 103 -8.26 2.04 12.51
C ALA A 103 -9.17 0.84 12.30
N ASP A 104 -10.44 0.97 12.70
CA ASP A 104 -11.35 -0.17 12.59
C ASP A 104 -11.92 -0.34 11.18
N PHE A 105 -11.91 0.70 10.33
CA PHE A 105 -12.46 0.61 8.99
C PHE A 105 -11.60 1.38 7.99
N ARG A 106 -11.92 1.22 6.71
CA ARG A 106 -11.24 1.95 5.66
C ARG A 106 -12.19 2.16 4.50
N PRO A 107 -11.97 3.18 3.65
CA PRO A 107 -12.90 3.48 2.57
C PRO A 107 -13.07 2.32 1.61
N ALA A 108 -14.30 2.18 1.10
CA ALA A 108 -14.59 1.15 0.11
C ALA A 108 -13.74 1.35 -1.16
N HIS A 109 -13.49 2.60 -1.53
CA HIS A 109 -12.70 2.89 -2.72
C HIS A 109 -11.65 3.93 -2.42
N VAL A 110 -10.48 3.76 -3.01
CA VAL A 110 -9.43 4.76 -2.94
C VAL A 110 -9.18 5.31 -4.35
N ALA A 111 -9.19 6.63 -4.48
CA ALA A 111 -8.84 7.23 -5.75
C ALA A 111 -7.32 7.26 -5.91
N ALA A 112 -6.85 6.96 -7.11
CA ALA A 112 -5.42 7.10 -7.36
C ALA A 112 -5.00 8.56 -7.52
N ALA A 113 -5.95 9.43 -7.88
CA ALA A 113 -5.68 10.85 -8.01
C ALA A 113 -6.68 11.60 -7.15
N LYS A 114 -6.43 12.90 -7.00
CA LYS A 114 -7.27 13.73 -6.17
C LYS A 114 -8.66 13.89 -6.62
N ILE A 115 -9.55 13.85 -5.66
CA ILE A 115 -10.96 13.95 -5.98
C ILE A 115 -11.30 15.43 -6.10
N LYS A 116 -11.80 15.81 -7.28
CA LYS A 116 -11.97 17.21 -7.63
C LYS A 116 -13.38 17.64 -7.28
N LYS A 117 -13.53 18.84 -6.73
CA LYS A 117 -14.83 19.25 -6.17
C LYS A 117 -15.71 19.86 -7.26
N SER A 123 -23.41 13.81 0.06
CA SER A 123 -22.52 12.74 -0.37
C SER A 123 -22.32 11.73 0.76
N SER A 124 -21.67 10.60 0.47
CA SER A 124 -21.52 9.52 1.44
C SER A 124 -20.41 8.58 1.02
N ILE A 125 -19.58 8.21 2.00
CA ILE A 125 -18.47 7.29 1.82
C ILE A 125 -18.84 5.93 2.39
N ASP A 126 -18.70 4.88 1.59
CA ASP A 126 -18.96 3.55 2.10
C ASP A 126 -17.66 2.99 2.69
N LEU A 127 -17.81 2.08 3.67
CA LEU A 127 -16.71 1.65 4.53
C LEU A 127 -16.62 0.12 4.61
N VAL A 128 -15.42 -0.35 4.94
CA VAL A 128 -15.14 -1.78 5.07
C VAL A 128 -14.28 -1.98 6.33
N ARG A 129 -14.62 -2.99 7.11
CA ARG A 129 -13.96 -3.22 8.39
C ARG A 129 -12.53 -3.71 8.18
N ASN A 130 -11.65 -3.31 9.08
CA ASN A 130 -10.31 -3.81 9.07
C ASN A 130 -10.21 -5.04 9.94
N ASP A 131 -9.33 -5.95 9.56
CA ASP A 131 -9.14 -7.16 10.34
C ASP A 131 -8.56 -6.75 11.69
N ASP A 132 -9.06 -7.38 12.76
CA ASP A 132 -8.58 -7.08 14.10
C ASP A 132 -7.26 -7.82 14.33
N VAL A 133 -6.17 -7.07 14.35
CA VAL A 133 -4.84 -7.70 14.39
C VAL A 133 -4.61 -8.39 15.72
N LEU A 134 -5.00 -7.77 16.81
CA LEU A 134 -4.71 -8.41 18.09
C LEU A 134 -5.46 -9.73 18.22
N ALA A 135 -6.73 -9.77 17.78
CA ALA A 135 -7.48 -11.01 17.87
C ALA A 135 -6.86 -12.06 16.98
N GLY A 136 -6.36 -11.63 15.84
CA GLY A 136 -5.68 -12.55 14.94
C GLY A 136 -4.41 -13.12 15.55
N ALA A 137 -3.73 -12.34 16.40
CA ALA A 137 -2.54 -12.80 17.10
C ALA A 137 -2.85 -13.73 18.27
N VAL A 138 -3.96 -13.49 18.97
CA VAL A 138 -4.26 -14.32 20.12
C VAL A 138 -4.62 -15.74 19.71
N ARG A 139 -5.51 -15.90 18.73
CA ARG A 139 -5.85 -17.23 18.24
C ARG A 139 -4.68 -17.88 17.49
N ALA A 140 -3.93 -17.11 16.71
CA ALA A 140 -2.79 -17.67 16.02
C ALA A 140 -1.91 -18.42 17.00
N ARG A 141 -1.63 -17.81 18.14
CA ARG A 141 -0.83 -18.49 19.15
C ARG A 141 -1.51 -19.76 19.63
N ALA A 142 -2.81 -19.67 19.93
CA ALA A 142 -3.53 -20.84 20.45
C ALA A 142 -3.50 -22.00 19.46
N ASP A 143 -3.43 -21.68 18.18
CA ASP A 143 -3.41 -22.68 17.13
C ASP A 143 -2.01 -23.18 16.85
N GLY A 144 -1.03 -22.79 17.68
CA GLY A 144 0.28 -23.37 17.52
C GLY A 144 1.12 -22.76 16.43
N GLN A 145 0.71 -21.65 15.84
CA GLN A 145 1.61 -21.03 14.90
C GLN A 145 2.68 -20.19 15.56
N LEU A 146 2.60 -19.94 16.87
CA LEU A 146 3.58 -19.10 17.55
C LEU A 146 4.12 -19.77 18.79
N PRO A 147 4.96 -20.79 18.62
CA PRO A 147 5.59 -21.40 19.80
C PRO A 147 6.49 -20.43 20.51
N ASN A 148 6.92 -19.39 19.81
CA ASN A 148 7.85 -18.43 20.35
C ASN A 148 7.14 -17.35 21.15
N MET A 149 5.82 -17.19 20.99
CA MET A 149 5.10 -16.09 21.65
C MET A 149 4.74 -16.44 23.09
N ARG A 150 5.34 -15.74 24.04
CA ARG A 150 5.03 -16.04 25.42
C ARG A 150 4.13 -14.99 26.09
N ALA A 151 3.97 -13.81 25.50
CA ALA A 151 3.14 -12.78 26.10
C ALA A 151 2.61 -11.83 25.04
N ILE A 152 1.32 -11.51 25.14
CA ILE A 152 0.61 -10.65 24.20
C ILE A 152 -0.18 -9.60 24.97
N VAL A 153 0.10 -8.32 24.70
CA VAL A 153 -0.46 -7.21 25.47
C VAL A 153 -1.29 -6.27 24.59
N GLY A 154 -2.53 -5.98 25.02
CA GLY A 154 -3.38 -5.01 24.37
C GLY A 154 -3.49 -3.74 25.20
N PHE A 155 -4.06 -2.70 24.58
CA PHE A 155 -4.29 -1.39 25.21
C PHE A 155 -5.71 -0.91 24.95
N ALA A 156 -6.44 -0.50 25.98
CA ALA A 156 -7.82 -0.10 25.77
C ALA A 156 -8.01 1.41 25.88
N ALA A 157 -8.80 1.94 24.94
CA ALA A 157 -9.19 3.36 24.88
C ALA A 157 -10.69 3.46 25.08
N GLU A 158 -11.09 4.00 26.24
CA GLU A 158 -12.49 4.05 26.61
C GLU A 158 -12.89 5.48 27.00
N THR A 159 -14.07 5.89 26.54
CA THR A 159 -14.71 7.13 26.96
C THR A 159 -15.96 6.89 27.81
N GLY A 160 -16.69 5.81 27.55
CA GLY A 160 -17.79 5.42 28.39
C GLY A 160 -19.08 6.12 28.00
N ASP A 161 -20.18 5.51 28.45
CA ASP A 161 -21.52 5.96 28.13
C ASP A 161 -22.48 5.43 29.19
N ALA A 162 -23.77 5.36 28.86
CA ALA A 162 -24.81 4.88 29.77
C ALA A 162 -24.96 3.37 29.81
N ASN A 163 -24.06 2.64 29.15
CA ASN A 163 -24.19 1.21 29.06
C ASN A 163 -23.26 0.75 30.06
N GLY A 164 -22.32 1.62 30.34
CA GLY A 164 -21.38 1.28 31.37
C GLY A 164 -20.28 2.26 31.59
N ASP A 165 -19.45 1.98 32.56
CA ASP A 165 -18.34 2.85 32.85
C ASP A 165 -17.24 2.66 31.83
N VAL A 166 -16.31 3.58 31.72
CA VAL A 166 -15.15 3.34 30.90
C VAL A 166 -14.65 2.02 31.41
N LEU A 167 -14.64 1.84 32.74
CA LEU A 167 -14.17 0.62 33.38
C LEU A 167 -14.82 -0.70 33.07
N PHE A 168 -16.13 -0.71 32.84
CA PHE A 168 -16.85 -1.96 32.61
C PHE A 168 -16.61 -2.42 31.22
N HIS A 169 -16.82 -1.51 30.31
CA HIS A 169 -16.61 -1.83 28.91
C HIS A 169 -15.29 -2.56 28.68
N ALA A 170 -14.27 -2.23 29.45
CA ALA A 170 -12.96 -2.82 29.20
C ALA A 170 -12.73 -4.09 29.98
N ARG A 171 -13.60 -4.42 30.93
CA ARG A 171 -13.58 -5.78 31.44
C ARG A 171 -14.06 -6.72 30.34
N ALA A 172 -15.03 -6.25 29.55
CA ALA A 172 -15.50 -7.00 28.39
C ALA A 172 -14.39 -7.17 27.37
N LYS A 173 -13.63 -6.11 27.11
CA LYS A 173 -12.62 -6.19 26.06
C LYS A 173 -11.55 -7.23 26.39
N LEU A 174 -11.21 -7.39 27.67
CA LEU A 174 -10.21 -8.39 28.02
C LEU A 174 -10.68 -9.79 27.65
N GLU A 175 -11.96 -10.08 27.92
CA GLU A 175 -12.52 -11.40 27.66
C GLU A 175 -12.74 -11.61 26.17
N ARG A 176 -13.17 -10.57 25.47
CA ARG A 176 -13.42 -10.73 24.05
C ARG A 176 -12.12 -10.93 23.30
N LYS A 177 -11.10 -10.17 23.68
CA LYS A 177 -9.86 -10.17 22.93
C LYS A 177 -8.97 -11.35 23.26
N GLY A 178 -8.97 -11.78 24.52
CA GLY A 178 -8.21 -12.95 24.93
C GLY A 178 -6.70 -12.81 25.08
N CYS A 179 -6.18 -11.62 25.43
CA CYS A 179 -4.74 -11.42 25.52
C CYS A 179 -4.22 -11.67 26.96
N ASP A 180 -2.89 -11.64 27.09
CA ASP A 180 -2.26 -11.94 28.38
C ASP A 180 -2.43 -10.77 29.34
N LEU A 181 -2.26 -9.53 28.84
CA LEU A 181 -2.44 -8.33 29.64
C LEU A 181 -3.19 -7.29 28.83
N LEU A 182 -3.96 -6.46 29.54
CA LEU A 182 -4.71 -5.37 28.94
C LEU A 182 -4.52 -4.15 29.82
N VAL A 183 -3.98 -3.08 29.26
CA VAL A 183 -3.74 -1.84 30.01
C VAL A 183 -4.74 -0.80 29.55
N VAL A 184 -5.49 -0.25 30.49
CA VAL A 184 -6.57 0.67 30.20
C VAL A 184 -6.24 2.08 30.64
N ASN A 185 -6.60 3.05 29.80
CA ASN A 185 -6.55 4.46 30.17
C ASN A 185 -7.83 5.19 29.80
N GLY A 200 -5.68 5.45 34.51
CA GLY A 200 -4.63 4.45 34.31
C GLY A 200 -4.83 3.20 35.13
N TRP A 201 -5.17 2.09 34.47
CA TRP A 201 -5.41 0.81 35.11
C TRP A 201 -4.84 -0.36 34.30
N LEU A 202 -4.66 -1.53 34.90
CA LEU A 202 -4.01 -2.65 34.25
C LEU A 202 -4.66 -3.96 34.60
N LEU A 203 -5.21 -4.65 33.62
CA LEU A 203 -5.92 -5.88 33.87
C LEU A 203 -5.25 -7.17 33.41
N SER A 204 -4.83 -7.99 34.36
CA SER A 204 -4.22 -9.26 34.05
C SER A 204 -5.25 -10.29 33.63
N ALA A 205 -4.73 -11.39 33.10
CA ALA A 205 -5.50 -12.56 32.75
C ALA A 205 -5.75 -13.44 33.95
N ASP A 206 -5.19 -13.12 35.10
CA ASP A 206 -5.62 -13.84 36.28
C ASP A 206 -6.96 -13.36 36.75
N GLY A 207 -7.47 -12.31 36.14
CA GLY A 207 -8.43 -11.49 36.83
C GLY A 207 -7.79 -10.40 37.67
N THR A 208 -6.45 -10.32 37.69
CA THR A 208 -5.78 -9.27 38.45
C THR A 208 -6.15 -7.90 37.88
N GLU A 209 -6.47 -6.95 38.76
CA GLU A 209 -6.87 -5.59 38.39
C GLU A 209 -6.07 -4.55 39.18
N SER A 210 -5.07 -3.94 38.53
CA SER A 210 -4.21 -2.94 39.13
C SER A 210 -4.51 -1.55 38.62
N ALA A 211 -4.16 -0.59 39.46
CA ALA A 211 -4.27 0.82 39.18
C ALA A 211 -2.91 1.35 38.72
N LEU A 212 -2.94 2.35 37.86
CA LEU A 212 -1.73 3.02 37.41
C LEU A 212 -1.75 4.45 37.94
N GLU A 213 -0.77 4.80 38.77
CA GLU A 213 -0.68 6.18 39.20
C GLU A 213 -0.36 7.01 37.97
N HIS A 214 -1.06 8.13 37.78
CA HIS A 214 -0.67 8.97 36.66
C HIS A 214 0.65 9.62 37.05
N GLY A 215 1.71 8.84 36.95
CA GLY A 215 3.03 9.38 36.95
C GLY A 215 3.41 9.72 35.53
N SER A 216 4.71 9.87 35.32
CA SER A 216 5.18 10.09 33.98
C SER A 216 4.82 8.88 33.15
N LYS A 217 4.73 9.07 31.83
CA LYS A 217 4.55 7.93 30.95
C LYS A 217 5.73 6.97 31.09
N THR A 218 6.88 7.49 31.55
CA THR A 218 8.07 6.67 31.80
C THR A 218 7.84 5.73 32.96
N LEU A 219 7.26 6.23 34.06
CA LEU A 219 6.89 5.36 35.17
C LEU A 219 5.79 4.38 34.78
N MET A 220 4.75 4.86 34.08
CA MET A 220 3.71 3.94 33.63
C MET A 220 4.33 2.83 32.84
N ALA A 221 5.15 3.18 31.84
CA ALA A 221 5.82 2.18 31.04
C ALA A 221 6.66 1.25 31.91
N THR A 222 7.23 1.77 33.00
CA THR A 222 8.00 0.94 33.92
C THR A 222 7.12 -0.05 34.68
N ARG A 223 5.98 0.42 35.21
CA ARG A 223 5.08 -0.51 35.88
C ARG A 223 4.66 -1.61 34.94
N ILE A 224 4.50 -1.26 33.67
CA ILE A 224 3.96 -2.18 32.69
C ILE A 224 4.94 -3.31 32.40
N VAL A 225 6.18 -2.98 32.03
CA VAL A 225 7.17 -4.01 31.76
C VAL A 225 7.42 -4.87 33.00
N ASP A 226 7.42 -4.23 34.17
CA ASP A 226 7.53 -4.99 35.41
C ASP A 226 6.42 -6.01 35.49
N SER A 227 5.19 -5.58 35.19
CA SER A 227 4.03 -6.47 35.16
C SER A 227 4.17 -7.52 34.06
N ILE A 228 4.78 -7.16 32.92
CA ILE A 228 4.98 -8.15 31.88
C ILE A 228 5.99 -9.17 32.34
N ALA A 229 7.10 -8.69 32.90
CA ALA A 229 8.15 -9.57 33.35
C ALA A 229 7.63 -10.60 34.34
N ALA A 230 6.84 -10.13 35.32
CA ALA A 230 6.26 -11.03 36.32
C ALA A 230 5.53 -12.21 35.68
N PHE A 231 4.82 -11.95 34.58
CA PHE A 231 4.09 -13.03 33.91
C PHE A 231 5.03 -14.10 33.35
N LEU A 232 6.13 -13.69 32.73
CA LEU A 232 7.00 -14.69 32.12
C LEU A 232 7.57 -15.65 33.14
N LYS A 233 7.69 -15.22 34.40
CA LYS A 233 8.11 -16.15 35.44
C LYS A 233 6.96 -17.05 35.87
N SER A 234 5.75 -16.51 35.93
CA SER A 234 4.58 -17.32 36.29
C SER A 234 4.32 -18.40 35.25
N GLN A 235 4.71 -18.15 34.00
CA GLN A 235 4.69 -19.15 32.93
C GLN A 235 5.69 -20.26 33.22
N HIS B 8 15.08 44.62 3.90
CA HIS B 8 13.83 44.43 4.64
C HIS B 8 12.64 44.76 3.75
N ASP B 9 12.43 43.97 2.69
CA ASP B 9 11.44 44.30 1.68
C ASP B 9 10.04 44.29 2.24
N MET B 10 9.80 43.65 3.38
CA MET B 10 8.47 43.53 3.94
C MET B 10 8.32 44.26 5.26
N ALA B 11 9.10 45.32 5.44
CA ALA B 11 9.02 46.14 6.64
C ALA B 11 7.71 46.89 6.67
N GLY B 12 7.12 46.97 7.85
CA GLY B 12 5.86 47.70 8.00
C GLY B 12 4.65 47.01 7.40
N VAL B 13 4.63 45.69 7.38
CA VAL B 13 3.50 44.94 6.87
C VAL B 13 2.96 44.03 7.96
N LYS B 14 1.66 44.10 8.19
CA LYS B 14 0.99 43.14 9.06
C LYS B 14 0.55 42.01 8.14
N ALA B 15 1.00 40.79 8.43
CA ALA B 15 0.76 39.66 7.54
C ALA B 15 0.14 38.51 8.32
N LEU B 16 -0.94 37.96 7.78
CA LEU B 16 -1.65 36.85 8.39
C LEU B 16 -1.59 35.63 7.47
N VAL B 17 -1.22 34.49 8.03
CA VAL B 17 -1.09 33.26 7.24
C VAL B 17 -1.74 32.12 8.01
N THR B 18 -2.30 31.19 7.25
CA THR B 18 -2.90 29.98 7.79
C THR B 18 -2.07 28.77 7.37
N ALA B 19 -1.89 27.81 8.28
CA ALA B 19 -0.99 26.71 7.98
C ALA B 19 -1.42 25.44 8.71
N GLY B 20 -1.05 24.31 8.13
CA GLY B 20 -1.42 23.01 8.66
C GLY B 20 -2.69 22.54 8.02
N GLY B 21 -3.16 21.38 8.46
CA GLY B 21 -4.37 20.79 7.94
C GLY B 21 -5.40 20.71 9.05
N THR B 22 -6.67 20.72 8.67
CA THR B 22 -7.74 20.71 9.67
C THR B 22 -8.23 19.29 9.88
N ARG B 23 -8.94 19.11 11.00
CA ARG B 23 -9.44 17.81 11.45
C ARG B 23 -10.93 17.93 11.75
N GLU B 24 -11.74 17.12 11.05
CA GLU B 24 -13.19 17.14 11.18
C GLU B 24 -13.59 16.03 12.14
N PRO B 25 -14.02 16.35 13.36
CA PRO B 25 -14.24 15.29 14.35
C PRO B 25 -15.42 14.40 13.96
N LEU B 26 -15.25 13.11 14.21
CA LEU B 26 -16.37 12.18 14.18
C LEU B 26 -16.93 11.98 15.56
N ASP B 27 -16.06 12.09 16.55
CA ASP B 27 -16.30 11.86 17.95
C ASP B 27 -15.00 12.29 18.60
N PRO B 28 -14.84 12.17 19.96
CA PRO B 28 -13.59 12.66 20.58
C PRO B 28 -12.31 12.11 19.99
N VAL B 29 -12.39 10.98 19.30
CA VAL B 29 -11.15 10.31 18.90
C VAL B 29 -10.93 10.23 17.38
N ARG B 30 -11.92 9.97 16.59
CA ARG B 30 -11.72 9.80 15.20
C ARG B 30 -12.04 11.03 14.49
N PHE B 31 -11.51 11.18 13.30
CA PHE B 31 -11.74 12.42 12.56
C PHE B 31 -11.41 12.21 11.07
N ILE B 32 -11.43 13.31 10.30
CA ILE B 32 -11.19 13.35 8.85
C ILE B 32 -10.14 14.40 8.50
N GLY B 33 -9.12 14.05 7.70
CA GLY B 33 -8.01 14.95 7.49
C GLY B 33 -7.43 15.00 6.09
N ASN B 34 -6.65 16.05 5.88
CA ASN B 34 -5.89 16.32 4.67
C ASN B 34 -4.41 16.28 5.07
N ARG B 35 -3.53 15.90 4.14
CA ARG B 35 -2.18 15.47 4.49
C ARG B 35 -1.14 16.59 4.63
N SER B 36 -1.53 17.83 4.94
CA SER B 36 -0.53 18.88 5.06
C SER B 36 0.25 18.79 6.37
N SER B 37 1.59 18.79 6.27
CA SER B 37 2.45 18.79 7.45
C SER B 37 2.41 20.16 8.12
N GLY B 38 2.12 21.21 7.34
CA GLY B 38 2.23 22.60 7.75
C GLY B 38 3.59 23.22 7.57
N LYS B 39 4.63 22.42 7.34
CA LYS B 39 5.99 22.94 7.29
C LYS B 39 6.13 24.05 6.25
N GLN B 40 5.55 23.85 5.06
CA GLN B 40 5.66 24.85 4.00
C GLN B 40 5.02 26.16 4.41
N GLY B 41 3.85 26.10 5.06
CA GLY B 41 3.22 27.34 5.47
C GLY B 41 4.03 28.05 6.53
N TYR B 42 4.51 27.30 7.53
CA TYR B 42 5.41 27.88 8.52
C TYR B 42 6.59 28.55 7.85
N ALA B 43 7.13 27.93 6.79
CA ALA B 43 8.36 28.40 6.18
C ALA B 43 8.22 29.80 5.60
N VAL B 44 7.09 30.11 5.00
CA VAL B 44 6.95 31.44 4.43
C VAL B 44 6.70 32.48 5.53
N ALA B 45 5.88 32.15 6.54
CA ALA B 45 5.68 33.09 7.66
C ALA B 45 6.99 33.46 8.32
N ARG B 46 7.88 32.48 8.45
CA ARG B 46 9.19 32.71 9.01
C ARG B 46 9.99 33.69 8.15
N VAL B 47 9.89 33.57 6.83
CA VAL B 47 10.57 34.52 5.94
C VAL B 47 10.01 35.92 6.10
N LEU B 48 8.68 36.03 6.18
CA LEU B 48 8.07 37.34 6.33
C LEU B 48 8.62 38.07 7.57
N ALA B 49 8.67 37.37 8.71
CA ALA B 49 9.19 37.97 9.92
C ALA B 49 10.62 38.42 9.69
N GLN B 50 11.36 37.68 8.87
CA GLN B 50 12.74 38.04 8.51
C GLN B 50 12.83 39.29 7.66
N ARG B 51 11.82 39.56 6.82
CA ARG B 51 11.88 40.69 5.92
C ARG B 51 11.17 41.91 6.51
N GLY B 52 10.79 41.83 7.78
CA GLY B 52 10.26 42.97 8.50
C GLY B 52 8.77 42.93 8.70
N ALA B 53 8.12 41.81 8.43
CA ALA B 53 6.67 41.77 8.41
C ALA B 53 6.12 41.42 9.78
N ASP B 54 4.95 41.98 10.08
CA ASP B 54 4.22 41.77 11.33
C ASP B 54 3.32 40.54 11.17
N VAL B 55 3.79 39.38 11.64
CA VAL B 55 3.18 38.10 11.28
C VAL B 55 2.33 37.56 12.41
N THR B 56 1.14 37.09 12.06
CA THR B 56 0.27 36.32 12.94
C THR B 56 -0.07 35.00 12.26
N LEU B 57 0.19 33.90 12.97
CA LEU B 57 0.07 32.53 12.43
C LEU B 57 -1.10 31.74 13.04
N ILE B 58 -2.10 31.47 12.22
CA ILE B 58 -3.15 30.53 12.61
C ILE B 58 -2.71 29.12 12.18
N ALA B 59 -2.53 28.23 13.12
CA ALA B 59 -2.02 26.94 12.80
C ALA B 59 -2.83 25.80 13.20
N GLY B 60 -3.00 24.89 12.27
CA GLY B 60 -3.77 23.72 12.51
C GLY B 60 -3.06 22.43 12.59
N ASN B 61 -3.02 21.86 13.76
CA ASN B 61 -2.50 20.55 13.92
C ASN B 61 -1.19 20.36 13.27
N THR B 62 -0.23 21.15 13.73
CA THR B 62 1.07 21.11 13.17
C THR B 62 1.98 20.92 14.30
N ALA B 63 1.51 20.43 15.41
CA ALA B 63 2.38 20.34 16.58
C ALA B 63 3.60 19.49 16.35
N GLY B 64 4.68 19.80 17.04
CA GLY B 64 5.91 19.09 16.79
C GLY B 64 6.80 20.05 16.12
N LEU B 65 6.19 20.99 15.43
CA LEU B 65 6.98 22.01 14.83
C LEU B 65 7.23 23.12 15.84
N ILE B 66 8.36 23.81 15.72
CA ILE B 66 8.72 24.82 16.65
C ILE B 66 8.11 26.11 16.25
N ASP B 67 7.71 26.91 17.24
CA ASP B 67 7.06 28.18 16.96
C ASP B 67 8.04 29.13 16.27
N PRO B 68 7.66 29.77 15.17
CA PRO B 68 8.57 30.73 14.53
C PRO B 68 8.78 31.96 15.40
N ALA B 69 10.00 32.46 15.38
CA ALA B 69 10.32 33.61 16.19
C ALA B 69 9.61 34.85 15.65
N GLY B 70 9.15 35.68 16.58
CA GLY B 70 8.49 36.95 16.33
C GLY B 70 7.10 36.89 15.77
N VAL B 71 6.49 35.70 15.75
CA VAL B 71 5.18 35.51 15.15
C VAL B 71 4.17 35.20 16.25
N GLU B 72 3.09 35.97 16.28
CA GLU B 72 1.98 35.71 17.18
C GLU B 72 1.22 34.47 16.68
N MET B 73 1.09 33.47 17.53
CA MET B 73 0.55 32.16 17.15
C MET B 73 -0.88 31.99 17.67
N VAL B 74 -1.78 31.47 16.84
CA VAL B 74 -3.11 31.06 17.32
C VAL B 74 -3.40 29.68 16.78
N HIS B 75 -3.95 28.84 17.65
CA HIS B 75 -4.22 27.44 17.39
C HIS B 75 -5.70 27.20 17.24
N ILE B 76 -6.05 26.37 16.26
CA ILE B 76 -7.41 25.93 15.96
C ILE B 76 -7.36 24.42 15.71
N GLY B 77 -8.55 23.83 15.57
CA GLY B 77 -8.65 22.41 15.24
C GLY B 77 -9.52 22.05 14.04
N SER B 78 -10.81 22.37 14.08
CA SER B 78 -11.70 22.01 12.97
C SER B 78 -11.58 23.06 11.87
N ALA B 79 -12.20 22.76 10.73
CA ALA B 79 -12.19 23.75 9.67
C ALA B 79 -13.05 24.95 10.02
N THR B 80 -14.15 24.76 10.74
CA THR B 80 -14.92 25.92 11.17
C THR B 80 -14.14 26.76 12.16
N GLN B 81 -13.39 26.10 13.06
CA GLN B 81 -12.57 26.86 14.00
C GLN B 81 -11.59 27.73 13.25
N LEU B 82 -11.24 27.31 12.04
CA LEU B 82 -10.35 28.13 11.25
C LEU B 82 -11.07 29.38 10.78
N ARG B 83 -12.27 29.22 10.22
CA ARG B 83 -13.00 30.38 9.75
C ARG B 83 -13.21 31.37 10.88
N ASP B 84 -13.58 30.90 12.07
CA ASP B 84 -13.76 31.80 13.19
C ASP B 84 -12.46 32.54 13.49
N ALA B 85 -11.33 31.84 13.38
CA ALA B 85 -10.03 32.46 13.64
C ALA B 85 -9.67 33.48 12.56
N VAL B 86 -9.87 33.12 11.30
CA VAL B 86 -9.50 34.00 10.21
C VAL B 86 -10.36 35.23 10.18
N SER B 87 -11.67 35.06 10.33
CA SER B 87 -12.55 36.21 10.33
C SER B 87 -12.14 37.21 11.41
N LYS B 88 -11.66 36.72 12.54
CA LYS B 88 -11.41 37.62 13.65
C LYS B 88 -10.18 38.48 13.40
N HIS B 89 -9.11 37.89 12.90
CA HIS B 89 -7.87 38.62 12.73
C HIS B 89 -7.73 39.27 11.36
N ALA B 90 -8.68 39.02 10.44
CA ALA B 90 -8.48 39.40 9.06
C ALA B 90 -8.48 40.91 8.77
N PRO B 91 -9.46 41.68 9.26
CA PRO B 91 -9.45 43.11 8.88
C PRO B 91 -8.23 43.90 9.37
N ASP B 92 -7.36 43.32 10.20
CA ASP B 92 -6.12 44.00 10.56
C ASP B 92 -4.99 43.77 9.56
N ALA B 93 -5.03 42.69 8.79
CA ALA B 93 -3.90 42.25 7.97
C ALA B 93 -3.82 43.00 6.64
N ASN B 94 -2.59 43.20 6.18
CA ASN B 94 -2.31 43.75 4.86
C ASN B 94 -2.19 42.68 3.78
N VAL B 95 -1.77 41.48 4.17
CA VAL B 95 -1.51 40.40 3.23
C VAL B 95 -2.19 39.16 3.76
N LEU B 96 -2.73 38.34 2.88
CA LEU B 96 -3.35 37.11 3.29
C LEU B 96 -2.75 35.92 2.57
N VAL B 97 -2.33 34.91 3.32
CA VAL B 97 -1.68 33.74 2.77
C VAL B 97 -2.34 32.48 3.33
N MET B 98 -2.98 31.71 2.46
CA MET B 98 -3.72 30.53 2.90
C MET B 98 -3.02 29.24 2.47
N ALA B 99 -1.97 28.90 3.20
CA ALA B 99 -1.23 27.67 2.98
C ALA B 99 -1.81 26.51 3.77
N ALA B 100 -3.01 26.67 4.30
CA ALA B 100 -3.66 25.58 5.00
C ALA B 100 -4.35 24.64 4.01
N ALA B 101 -4.23 23.34 4.28
CA ALA B 101 -5.01 22.31 3.58
C ALA B 101 -6.32 22.12 4.37
N VAL B 102 -7.32 22.92 3.97
CA VAL B 102 -8.59 22.93 4.64
C VAL B 102 -9.53 21.85 4.18
N ALA B 103 -10.24 21.25 5.13
CA ALA B 103 -11.12 20.15 4.76
C ALA B 103 -12.34 20.65 4.00
N ASP B 104 -12.67 19.96 2.91
CA ASP B 104 -13.81 20.34 2.08
C ASP B 104 -15.12 19.92 2.73
N PHE B 105 -15.11 18.86 3.56
CA PHE B 105 -16.31 18.26 4.11
C PHE B 105 -16.05 17.85 5.54
N ARG B 106 -17.13 17.50 6.22
CA ARG B 106 -17.07 17.04 7.60
C ARG B 106 -18.25 16.07 7.83
N PRO B 107 -18.14 15.26 8.90
CA PRO B 107 -19.27 14.37 9.23
C PRO B 107 -20.53 15.16 9.51
N ALA B 108 -21.67 14.60 9.12
CA ALA B 108 -22.96 15.28 9.35
C ALA B 108 -23.26 15.48 10.85
N HIS B 109 -23.00 14.46 11.67
CA HIS B 109 -23.29 14.52 13.10
C HIS B 109 -22.02 14.10 13.83
N VAL B 110 -21.81 14.69 15.00
CA VAL B 110 -20.72 14.28 15.88
C VAL B 110 -21.33 13.70 17.14
N ALA B 111 -20.89 12.51 17.49
CA ALA B 111 -21.30 11.88 18.74
C ALA B 111 -20.47 12.43 19.87
N ALA B 112 -21.09 12.60 21.03
CA ALA B 112 -20.31 13.07 22.15
C ALA B 112 -19.35 12.00 22.68
N ALA B 113 -19.56 10.74 22.34
CA ALA B 113 -18.69 9.67 22.81
C ALA B 113 -18.14 8.80 21.67
N LYS B 114 -17.20 7.96 22.05
CA LYS B 114 -16.61 7.06 21.10
C LYS B 114 -17.57 6.08 20.55
N ILE B 115 -17.39 5.80 19.28
CA ILE B 115 -18.28 4.86 18.59
C ILE B 115 -17.61 3.47 18.53
N LYS B 116 -18.33 2.43 19.00
CA LYS B 116 -17.76 1.11 19.25
C LYS B 116 -17.82 0.22 18.02
N LYS B 117 -16.80 -0.64 17.86
CA LYS B 117 -16.61 -1.41 16.63
C LYS B 117 -17.50 -2.65 16.63
N GLY B 118 -18.43 -2.71 15.67
CA GLY B 118 -19.45 -3.73 15.67
C GLY B 118 -19.16 -4.83 14.67
N ALA B 119 -19.75 -6.00 14.92
CA ALA B 119 -19.72 -7.13 13.99
C ALA B 119 -20.78 -7.00 12.90
N SER B 120 -21.28 -5.79 12.72
CA SER B 120 -22.38 -5.47 11.85
C SER B 120 -21.89 -4.62 10.68
N GLU B 121 -22.53 -4.82 9.50
CA GLU B 121 -22.21 -4.10 8.27
C GLU B 121 -21.82 -2.66 8.58
N PRO B 122 -20.55 -2.29 8.40
CA PRO B 122 -20.08 -0.99 8.90
C PRO B 122 -20.77 0.13 8.12
N SER B 123 -21.51 0.96 8.85
CA SER B 123 -22.33 1.98 8.20
C SER B 123 -21.45 2.98 7.46
N SER B 124 -22.11 3.91 6.77
CA SER B 124 -21.45 4.84 5.86
C SER B 124 -21.64 6.25 6.39
N ILE B 125 -20.61 7.08 6.20
CA ILE B 125 -20.58 8.42 6.77
C ILE B 125 -21.09 9.46 5.78
N ASP B 126 -22.13 10.19 6.18
CA ASP B 126 -22.69 11.27 5.38
C ASP B 126 -21.97 12.55 5.72
N LEU B 127 -21.96 13.46 4.77
CA LEU B 127 -21.06 14.60 4.82
C LEU B 127 -21.82 15.89 4.61
N VAL B 128 -21.24 16.97 5.10
CA VAL B 128 -21.80 18.32 4.95
C VAL B 128 -20.66 19.28 4.62
N ARG B 129 -20.86 20.13 3.62
CA ARG B 129 -19.76 20.96 3.10
C ARG B 129 -19.33 22.04 4.08
N ASN B 130 -18.02 22.29 4.14
CA ASN B 130 -17.41 23.32 4.96
C ASN B 130 -17.28 24.66 4.22
N ASP B 131 -17.32 25.76 4.97
CA ASP B 131 -17.20 27.08 4.35
C ASP B 131 -15.83 27.30 3.71
N ASP B 132 -15.82 27.82 2.48
CA ASP B 132 -14.58 28.18 1.77
C ASP B 132 -14.06 29.49 2.32
N VAL B 133 -12.96 29.41 3.06
CA VAL B 133 -12.46 30.61 3.73
C VAL B 133 -11.92 31.59 2.70
N LEU B 134 -11.11 31.12 1.75
CA LEU B 134 -10.48 32.02 0.79
C LEU B 134 -11.50 32.68 -0.14
N ALA B 135 -12.58 31.97 -0.50
CA ALA B 135 -13.61 32.56 -1.35
C ALA B 135 -14.38 33.66 -0.62
N GLY B 136 -14.65 33.48 0.69
CA GLY B 136 -15.32 34.53 1.44
C GLY B 136 -14.50 35.80 1.61
N ALA B 137 -13.17 35.65 1.71
CA ALA B 137 -12.31 36.82 1.87
C ALA B 137 -12.21 37.64 0.59
N VAL B 138 -12.21 36.97 -0.57
CA VAL B 138 -12.23 37.73 -1.82
C VAL B 138 -13.53 38.50 -1.89
N ARG B 139 -14.64 37.85 -1.52
CA ARG B 139 -15.93 38.54 -1.49
C ARG B 139 -15.93 39.67 -0.45
N ALA B 140 -15.39 39.42 0.75
CA ALA B 140 -15.42 40.43 1.81
C ALA B 140 -14.72 41.71 1.37
N ARG B 141 -13.56 41.59 0.78
CA ARG B 141 -12.84 42.74 0.27
C ARG B 141 -13.58 43.35 -0.83
N ALA B 142 -14.09 42.49 -1.69
CA ALA B 142 -14.85 42.98 -2.83
C ALA B 142 -16.03 43.80 -2.39
N ASP B 143 -16.59 43.48 -1.23
CA ASP B 143 -17.73 44.17 -0.67
C ASP B 143 -17.31 45.35 0.18
N GLY B 144 -16.02 45.67 0.22
CA GLY B 144 -15.53 46.81 0.94
C GLY B 144 -15.32 46.56 2.42
N GLN B 145 -15.42 45.29 2.85
CA GLN B 145 -15.18 44.94 4.24
C GLN B 145 -13.71 44.85 4.58
N LEU B 146 -12.81 44.98 3.60
CA LEU B 146 -11.37 44.90 3.80
C LEU B 146 -10.68 46.13 3.23
N PRO B 147 -10.76 47.27 3.92
CA PRO B 147 -10.01 48.44 3.46
C PRO B 147 -8.50 48.28 3.60
N ASN B 148 -8.04 47.37 4.47
CA ASN B 148 -6.61 47.20 4.72
C ASN B 148 -5.95 46.18 3.80
N MET B 149 -6.73 45.30 3.18
CA MET B 149 -6.14 44.19 2.45
C MET B 149 -5.57 44.63 1.13
N ARG B 150 -4.28 44.40 0.98
CA ARG B 150 -3.57 44.65 -0.27
C ARG B 150 -3.22 43.36 -0.99
N ALA B 151 -3.29 42.19 -0.34
CA ALA B 151 -2.86 40.99 -1.03
C ALA B 151 -3.49 39.72 -0.49
N ILE B 152 -3.96 38.86 -1.40
CA ILE B 152 -4.60 37.59 -1.07
C ILE B 152 -3.94 36.49 -1.92
N VAL B 153 -3.32 35.53 -1.25
CA VAL B 153 -2.48 34.53 -1.89
C VAL B 153 -3.05 33.16 -1.58
N GLY B 154 -3.30 32.37 -2.62
CA GLY B 154 -3.75 31.01 -2.47
C GLY B 154 -2.66 30.01 -2.80
N PHE B 155 -2.94 28.77 -2.42
CA PHE B 155 -2.05 27.62 -2.62
C PHE B 155 -2.87 26.49 -3.22
N ALA B 156 -2.35 25.86 -4.25
CA ALA B 156 -3.14 24.82 -4.88
C ALA B 156 -2.32 23.54 -5.06
N ALA B 157 -3.04 22.43 -4.94
CA ALA B 157 -2.55 21.11 -5.29
C ALA B 157 -3.39 20.60 -6.44
N GLU B 158 -2.73 20.16 -7.52
CA GLU B 158 -3.38 19.49 -8.65
C GLU B 158 -2.49 18.37 -9.14
N THR B 159 -3.09 17.22 -9.43
CA THR B 159 -2.41 16.08 -10.04
C THR B 159 -2.64 15.97 -11.53
N GLY B 160 -3.80 16.45 -11.99
CA GLY B 160 -4.23 16.21 -13.36
C GLY B 160 -5.08 14.96 -13.51
N ASP B 161 -6.18 15.13 -14.26
CA ASP B 161 -7.10 14.05 -14.52
C ASP B 161 -7.10 13.86 -16.00
N ALA B 162 -7.93 12.97 -16.50
CA ALA B 162 -8.15 12.86 -17.94
C ALA B 162 -9.05 13.96 -18.47
N ASN B 163 -9.63 14.77 -17.59
CA ASN B 163 -10.24 16.03 -18.02
C ASN B 163 -9.17 17.00 -18.49
N GLY B 164 -7.99 16.96 -17.86
CA GLY B 164 -6.90 17.84 -18.18
C GLY B 164 -5.78 17.66 -17.18
N ASP B 165 -4.59 18.14 -17.54
CA ASP B 165 -3.40 17.96 -16.71
C ASP B 165 -3.52 18.76 -15.40
N VAL B 166 -2.41 18.85 -14.66
CA VAL B 166 -2.42 19.62 -13.43
C VAL B 166 -2.58 21.11 -13.73
N LEU B 167 -2.09 21.58 -14.88
CA LEU B 167 -2.01 23.02 -15.15
C LEU B 167 -3.33 23.60 -15.65
N PHE B 168 -3.99 22.90 -16.58
CA PHE B 168 -5.28 23.37 -17.04
C PHE B 168 -6.25 23.48 -15.88
N HIS B 169 -6.05 22.71 -14.81
CA HIS B 169 -6.99 22.68 -13.70
C HIS B 169 -6.91 23.91 -12.80
N ALA B 170 -5.72 24.49 -12.63
CA ALA B 170 -5.56 25.59 -11.68
C ALA B 170 -5.63 26.96 -12.32
N ARG B 171 -5.66 27.06 -13.65
CA ARG B 171 -6.02 28.33 -14.24
C ARG B 171 -7.49 28.60 -13.97
N ALA B 172 -8.30 27.54 -13.97
CA ALA B 172 -9.68 27.67 -13.55
C ALA B 172 -9.79 28.05 -12.09
N LYS B 173 -9.00 27.41 -11.23
CA LYS B 173 -9.18 27.69 -9.82
C LYS B 173 -8.78 29.13 -9.52
N LEU B 174 -7.74 29.61 -10.19
CA LEU B 174 -7.39 31.02 -10.01
C LEU B 174 -8.52 31.91 -10.50
N GLU B 175 -9.16 31.53 -11.61
CA GLU B 175 -10.25 32.37 -12.12
C GLU B 175 -11.49 32.28 -11.25
N ARG B 176 -11.77 31.10 -10.70
CA ARG B 176 -12.97 30.96 -9.86
C ARG B 176 -12.79 31.64 -8.51
N LYS B 177 -11.63 31.48 -7.85
CA LYS B 177 -11.45 32.04 -6.51
C LYS B 177 -11.12 33.53 -6.54
N GLY B 178 -10.46 34.00 -7.59
CA GLY B 178 -10.26 35.43 -7.78
C GLY B 178 -9.20 36.07 -6.91
N CYS B 179 -8.15 35.33 -6.53
CA CYS B 179 -7.09 35.87 -5.68
C CYS B 179 -5.94 36.46 -6.52
N ASP B 180 -5.01 37.11 -5.83
CA ASP B 180 -3.96 37.82 -6.55
C ASP B 180 -2.83 36.90 -7.03
N LEU B 181 -2.41 35.95 -6.21
CA LEU B 181 -1.38 35.01 -6.62
C LEU B 181 -1.82 33.62 -6.23
N LEU B 182 -1.37 32.61 -6.97
CA LEU B 182 -1.72 31.23 -6.68
C LEU B 182 -0.54 30.32 -6.84
N VAL B 183 -0.19 29.59 -5.79
CA VAL B 183 0.98 28.73 -5.84
C VAL B 183 0.61 27.29 -6.04
N VAL B 184 0.88 26.78 -7.23
CA VAL B 184 0.51 25.45 -7.54
C VAL B 184 1.64 24.49 -7.48
N ASN B 185 1.36 23.33 -6.93
CA ASN B 185 2.35 22.31 -6.75
C ASN B 185 3.60 22.85 -6.14
N ALA B 186 3.48 23.46 -4.98
CA ALA B 186 4.61 24.16 -4.41
C ALA B 186 5.25 23.70 -3.11
N VAL B 187 5.16 22.45 -2.75
CA VAL B 187 5.83 22.01 -1.56
C VAL B 187 7.03 21.24 -1.97
N GLY B 188 8.13 21.41 -1.28
CA GLY B 188 9.39 20.82 -1.65
C GLY B 188 9.82 19.65 -0.78
N GLU B 189 11.03 19.16 -1.07
CA GLU B 189 11.57 17.95 -0.48
C GLU B 189 12.95 18.23 0.12
N ASN B 190 13.15 17.82 1.38
CA ASN B 190 14.50 17.68 1.90
C ASN B 190 15.01 16.25 1.81
N ARG B 191 14.11 15.27 1.77
CA ARG B 191 14.39 13.89 1.42
C ARG B 191 13.82 13.61 0.02
N ALA B 192 14.41 12.63 -0.67
CA ALA B 192 14.00 12.31 -2.05
C ALA B 192 12.64 11.61 -2.09
N PHE B 193 11.93 11.79 -3.20
CA PHE B 193 10.52 11.40 -3.33
C PHE B 193 9.71 11.87 -2.12
N GLU B 194 9.90 13.13 -1.75
CA GLU B 194 9.18 13.65 -0.62
C GLU B 194 7.98 14.43 -1.15
N ASP B 199 6.55 21.41 -12.77
CA ASP B 199 5.24 21.20 -12.15
C ASP B 199 5.08 22.22 -11.04
N GLY B 200 6.20 22.60 -10.44
CA GLY B 200 6.21 23.78 -9.62
C GLY B 200 5.72 24.95 -10.45
N TRP B 201 4.72 25.69 -9.95
CA TRP B 201 4.08 26.69 -10.77
C TRP B 201 3.53 27.85 -9.95
N LEU B 202 3.97 29.05 -10.31
CA LEU B 202 3.42 30.31 -9.81
C LEU B 202 2.46 30.84 -10.84
N LEU B 203 1.20 31.00 -10.47
CA LEU B 203 0.24 31.61 -11.38
C LEU B 203 -0.10 32.98 -10.81
N SER B 204 0.40 34.03 -11.46
CA SER B 204 0.01 35.37 -11.06
C SER B 204 -1.35 35.69 -11.65
N ALA B 205 -1.96 36.78 -11.16
CA ALA B 205 -3.29 37.14 -11.68
C ALA B 205 -3.21 37.90 -12.98
N ASP B 206 -2.02 38.27 -13.42
CA ASP B 206 -1.82 38.93 -14.70
C ASP B 206 -1.79 37.95 -15.86
N GLY B 207 -2.01 36.67 -15.61
CA GLY B 207 -1.71 35.64 -16.58
C GLY B 207 -0.30 35.15 -16.53
N THR B 208 0.54 35.73 -15.67
CA THR B 208 1.90 35.26 -15.54
C THR B 208 1.87 33.83 -15.03
N GLU B 209 2.68 33.00 -15.66
CA GLU B 209 2.79 31.60 -15.29
C GLU B 209 4.27 31.32 -15.05
N SER B 210 4.82 31.94 -14.00
CA SER B 210 6.20 31.67 -13.61
C SER B 210 6.24 30.31 -12.97
N ALA B 211 7.23 29.50 -13.27
CA ALA B 211 7.30 28.15 -12.74
C ALA B 211 8.09 28.16 -11.45
N LEU B 212 7.77 27.24 -10.56
CA LEU B 212 8.52 27.16 -9.31
C LEU B 212 9.59 26.13 -9.43
N GLU B 213 10.78 26.58 -9.18
CA GLU B 213 11.94 25.70 -9.25
C GLU B 213 11.74 24.58 -8.25
N HIS B 214 12.14 23.38 -8.64
CA HIS B 214 12.17 22.29 -7.70
C HIS B 214 13.22 22.62 -6.64
N GLY B 215 12.81 22.69 -5.37
CA GLY B 215 13.78 22.90 -4.32
C GLY B 215 13.20 22.82 -2.93
N SER B 216 13.99 23.29 -1.96
CA SER B 216 13.68 23.24 -0.54
C SER B 216 12.49 24.13 -0.17
N LYS B 217 11.96 23.87 1.02
CA LYS B 217 10.84 24.66 1.54
C LYS B 217 11.19 26.13 1.69
N THR B 218 12.46 26.42 1.97
CA THR B 218 12.95 27.79 2.22
C THR B 218 13.13 28.60 0.93
N LEU B 219 13.76 28.00 -0.07
CA LEU B 219 13.87 28.67 -1.35
C LEU B 219 12.49 28.84 -1.95
N MET B 220 11.65 27.80 -1.80
CA MET B 220 10.25 27.94 -2.17
C MET B 220 9.62 29.08 -1.39
N ALA B 221 9.74 29.06 -0.07
CA ALA B 221 9.18 30.14 0.73
C ALA B 221 9.77 31.49 0.35
N THR B 222 11.06 31.52 -0.02
CA THR B 222 11.67 32.78 -0.40
C THR B 222 11.09 33.32 -1.71
N ARG B 223 10.98 32.46 -2.74
CA ARG B 223 10.45 32.92 -4.01
C ARG B 223 9.04 33.49 -3.88
N ILE B 224 8.24 32.90 -3.01
CA ILE B 224 6.85 33.32 -2.85
C ILE B 224 6.77 34.72 -2.26
N VAL B 225 7.39 34.93 -1.10
CA VAL B 225 7.44 36.27 -0.51
C VAL B 225 8.13 37.22 -1.48
N ASP B 226 9.14 36.71 -2.20
CA ASP B 226 9.75 37.47 -3.27
C ASP B 226 8.71 37.87 -4.31
N SER B 227 7.87 36.92 -4.73
CA SER B 227 6.78 37.20 -5.67
C SER B 227 5.71 38.10 -5.06
N ILE B 228 5.51 38.02 -3.75
CA ILE B 228 4.54 38.88 -3.07
C ILE B 228 5.00 40.33 -3.07
N ALA B 229 6.26 40.55 -2.69
CA ALA B 229 6.75 41.91 -2.54
C ALA B 229 6.54 42.70 -3.81
N ALA B 230 6.92 42.10 -4.94
CA ALA B 230 6.80 42.78 -6.23
C ALA B 230 5.39 43.26 -6.44
N PHE B 231 4.41 42.44 -6.07
CA PHE B 231 3.04 42.85 -6.26
C PHE B 231 2.72 44.08 -5.43
N LEU B 232 3.14 44.09 -4.16
CA LEU B 232 2.85 45.24 -3.31
C LEU B 232 3.51 46.49 -3.84
N LYS B 233 4.61 46.34 -4.58
CA LYS B 233 5.21 47.50 -5.20
C LYS B 233 4.41 47.94 -6.42
N SER B 234 3.91 46.97 -7.21
CA SER B 234 3.11 47.33 -8.37
C SER B 234 1.81 48.00 -7.96
N GLN B 235 1.28 47.62 -6.80
CA GLN B 235 0.14 48.28 -6.21
C GLN B 235 0.53 49.69 -5.73
N HIS C 8 37.29 -9.18 -4.45
CA HIS C 8 37.42 -8.76 -3.06
C HIS C 8 37.55 -7.26 -3.00
N ASP C 9 37.09 -6.66 -4.10
CA ASP C 9 37.26 -5.23 -4.34
C ASP C 9 36.31 -4.36 -3.52
N MET C 10 35.19 -4.91 -3.04
CA MET C 10 34.09 -4.08 -2.58
C MET C 10 33.75 -4.17 -1.09
N ALA C 11 34.73 -4.28 -0.21
CA ALA C 11 34.39 -4.26 1.20
C ALA C 11 33.85 -2.88 1.58
N GLY C 12 32.83 -2.86 2.43
CA GLY C 12 32.34 -1.60 2.94
C GLY C 12 31.65 -0.69 1.94
N VAL C 13 30.97 -1.26 0.92
CA VAL C 13 30.18 -0.49 -0.02
C VAL C 13 28.74 -0.95 0.05
N LYS C 14 27.82 -0.01 0.21
CA LYS C 14 26.40 -0.30 0.32
C LYS C 14 25.75 -0.29 -1.06
N ALA C 15 25.09 -1.40 -1.39
CA ALA C 15 24.50 -1.60 -2.72
C ALA C 15 23.05 -1.99 -2.58
N LEU C 16 22.20 -1.34 -3.39
CA LEU C 16 20.77 -1.58 -3.39
C LEU C 16 20.33 -2.09 -4.76
N VAL C 17 19.56 -3.18 -4.76
CA VAL C 17 19.17 -3.91 -5.95
C VAL C 17 17.66 -4.11 -5.96
N THR C 18 17.04 -3.91 -7.13
CA THR C 18 15.64 -4.24 -7.35
C THR C 18 15.52 -5.27 -8.48
N ALA C 19 14.60 -6.22 -8.31
CA ALA C 19 14.46 -7.38 -9.19
C ALA C 19 13.00 -7.88 -9.16
N GLY C 20 12.61 -8.58 -10.22
CA GLY C 20 11.24 -9.06 -10.29
C GLY C 20 10.32 -8.05 -10.94
N GLY C 21 9.03 -8.37 -10.95
CA GLY C 21 8.01 -7.48 -11.50
C GLY C 21 6.97 -7.13 -10.44
N THR C 22 6.35 -5.97 -10.61
CA THR C 22 5.36 -5.46 -9.65
C THR C 22 3.94 -5.79 -10.07
N ARG C 23 3.05 -5.65 -9.09
CA ARG C 23 1.64 -5.98 -9.25
C ARG C 23 0.81 -4.79 -8.78
N GLU C 24 -0.01 -4.25 -9.69
CA GLU C 24 -0.91 -3.12 -9.47
C GLU C 24 -2.38 -3.58 -9.31
N PRO C 25 -2.93 -3.59 -8.09
CA PRO C 25 -4.27 -4.16 -7.89
C PRO C 25 -5.40 -3.29 -8.41
N LEU C 26 -6.45 -3.98 -8.88
CA LEU C 26 -7.74 -3.38 -9.14
C LEU C 26 -8.61 -3.51 -7.94
N ASP C 27 -8.36 -4.56 -7.19
CA ASP C 27 -9.18 -4.94 -6.08
C ASP C 27 -8.43 -6.05 -5.36
N PRO C 28 -8.99 -6.63 -4.31
CA PRO C 28 -8.23 -7.62 -3.54
C PRO C 28 -7.64 -8.77 -4.33
N VAL C 29 -8.19 -9.08 -5.50
CA VAL C 29 -7.82 -10.29 -6.23
C VAL C 29 -7.10 -9.98 -7.53
N ARG C 30 -7.68 -9.15 -8.38
CA ARG C 30 -7.08 -8.94 -9.70
C ARG C 30 -6.00 -7.89 -9.60
N PHE C 31 -5.07 -7.91 -10.56
CA PHE C 31 -3.97 -6.96 -10.54
C PHE C 31 -3.42 -6.82 -11.96
N ILE C 32 -2.31 -6.09 -12.08
CA ILE C 32 -1.65 -5.86 -13.37
C ILE C 32 -0.18 -6.20 -13.22
N GLY C 33 0.37 -7.03 -14.13
CA GLY C 33 1.71 -7.55 -13.91
C GLY C 33 2.57 -7.62 -15.16
N ASN C 34 3.87 -7.91 -14.89
CA ASN C 34 4.92 -8.11 -15.88
C ASN C 34 5.46 -9.54 -15.79
N ARG C 35 5.97 -10.02 -16.90
CA ARG C 35 6.66 -11.31 -16.96
C ARG C 35 8.14 -11.08 -16.64
N SER C 36 8.52 -11.10 -15.37
CA SER C 36 9.93 -10.97 -14.98
C SER C 36 10.32 -12.12 -14.06
N SER C 37 11.45 -12.75 -14.36
CA SER C 37 11.86 -13.84 -13.48
C SER C 37 12.43 -13.33 -12.17
N GLY C 38 13.18 -12.24 -12.21
CA GLY C 38 14.02 -11.86 -11.12
C GLY C 38 15.33 -12.59 -11.12
N LYS C 39 15.43 -13.68 -11.87
CA LYS C 39 16.65 -14.48 -11.89
C LYS C 39 17.83 -13.63 -12.33
N GLN C 40 17.61 -12.77 -13.32
CA GLN C 40 18.65 -11.84 -13.73
C GLN C 40 19.04 -10.95 -12.55
N GLY C 41 18.05 -10.38 -11.85
CA GLY C 41 18.35 -9.47 -10.76
C GLY C 41 18.95 -10.15 -9.55
N TYR C 42 18.37 -11.21 -9.03
CA TYR C 42 18.88 -11.90 -7.85
C TYR C 42 20.31 -12.29 -8.01
N ALA C 43 20.71 -12.46 -9.24
CA ALA C 43 22.04 -12.94 -9.48
C ALA C 43 23.06 -11.91 -9.41
N VAL C 44 22.74 -10.70 -9.78
CA VAL C 44 23.75 -9.69 -9.80
C VAL C 44 24.02 -9.38 -8.36
N ALA C 45 23.04 -9.57 -7.52
CA ALA C 45 23.20 -9.30 -6.13
C ALA C 45 24.11 -10.32 -5.54
N ARG C 46 23.91 -11.56 -5.91
CA ARG C 46 24.79 -12.62 -5.43
C ARG C 46 26.23 -12.26 -5.74
N VAL C 47 26.49 -11.83 -6.97
CA VAL C 47 27.85 -11.46 -7.34
C VAL C 47 28.34 -10.31 -6.47
N LEU C 48 27.47 -9.32 -6.25
CA LEU C 48 27.82 -8.20 -5.39
C LEU C 48 28.17 -8.69 -4.00
N ALA C 49 27.35 -9.58 -3.46
CA ALA C 49 27.62 -10.13 -2.14
C ALA C 49 28.92 -10.93 -2.13
N GLN C 50 29.21 -11.64 -3.22
CA GLN C 50 30.41 -12.47 -3.25
C GLN C 50 31.67 -11.64 -3.11
N ARG C 51 31.65 -10.38 -3.53
CA ARG C 51 32.86 -9.55 -3.55
C ARG C 51 32.99 -8.60 -2.34
N GLY C 52 32.17 -8.78 -1.30
CA GLY C 52 32.34 -8.09 -0.04
C GLY C 52 31.35 -6.99 0.26
N ALA C 53 30.29 -6.87 -0.52
CA ALA C 53 29.39 -5.73 -0.44
C ALA C 53 28.20 -6.00 0.46
N ASP C 54 27.70 -4.92 1.07
CA ASP C 54 26.51 -4.96 1.90
C ASP C 54 25.31 -4.73 0.98
N VAL C 55 24.65 -5.82 0.59
CA VAL C 55 23.62 -5.77 -0.44
C VAL C 55 22.26 -5.84 0.22
N THR C 56 21.34 -4.99 -0.25
CA THR C 56 19.94 -5.06 0.13
C THR C 56 19.12 -5.30 -1.15
N LEU C 57 18.36 -6.37 -1.17
CA LEU C 57 17.62 -6.79 -2.35
C LEU C 57 16.16 -6.50 -2.08
N ILE C 58 15.61 -5.50 -2.77
CA ILE C 58 14.18 -5.20 -2.74
C ILE C 58 13.54 -6.07 -3.82
N ALA C 59 12.70 -7.01 -3.39
CA ALA C 59 12.25 -8.11 -4.23
C ALA C 59 10.73 -8.19 -4.30
N GLY C 60 10.19 -8.18 -5.51
CA GLY C 60 8.76 -8.33 -5.66
C GLY C 60 8.37 -9.72 -6.15
N ASN C 61 7.66 -9.79 -7.25
CA ASN C 61 7.24 -11.08 -7.81
C ASN C 61 8.33 -11.71 -8.53
N THR C 62 8.87 -12.73 -7.91
CA THR C 62 9.91 -13.46 -8.53
C THR C 62 9.28 -14.78 -8.81
N ALA C 63 9.87 -15.61 -9.63
CA ALA C 63 9.22 -16.86 -10.01
C ALA C 63 9.16 -17.91 -8.91
N GLY C 64 9.76 -17.63 -7.76
CA GLY C 64 9.79 -18.57 -6.65
C GLY C 64 11.21 -18.70 -6.24
N LEU C 65 11.95 -17.62 -6.43
CA LEU C 65 13.38 -17.64 -6.13
C LEU C 65 13.61 -17.43 -4.66
N ILE C 66 14.68 -17.99 -4.15
CA ILE C 66 14.93 -17.92 -2.74
C ILE C 66 16.00 -16.94 -2.34
N ASP C 67 15.77 -16.20 -1.25
CA ASP C 67 16.66 -15.11 -0.88
C ASP C 67 18.14 -15.51 -0.83
N PRO C 68 19.04 -14.70 -1.39
CA PRO C 68 20.47 -14.91 -1.16
C PRO C 68 20.88 -14.59 0.29
N ALA C 69 21.80 -15.41 0.81
CA ALA C 69 22.36 -15.21 2.14
C ALA C 69 23.36 -14.05 2.15
N GLY C 70 23.43 -13.34 3.27
CA GLY C 70 24.27 -12.16 3.35
C GLY C 70 23.67 -10.97 2.63
N VAL C 71 22.42 -11.06 2.22
CA VAL C 71 21.70 -9.99 1.57
C VAL C 71 20.51 -9.62 2.43
N GLU C 72 20.38 -8.33 2.72
CA GLU C 72 19.23 -7.78 3.43
C GLU C 72 18.04 -7.89 2.49
N MET C 73 17.02 -8.60 2.91
CA MET C 73 15.92 -8.93 2.00
C MET C 73 14.70 -8.07 2.29
N VAL C 74 14.11 -7.51 1.25
CA VAL C 74 12.87 -6.74 1.37
C VAL C 74 11.90 -7.16 0.27
N HIS C 75 10.67 -7.49 0.66
CA HIS C 75 9.67 -7.96 -0.29
C HIS C 75 8.62 -6.87 -0.50
N ILE C 76 8.18 -6.71 -1.75
CA ILE C 76 7.29 -5.65 -2.20
C ILE C 76 6.15 -6.24 -3.04
N GLY C 77 5.08 -5.46 -3.21
CA GLY C 77 3.99 -5.84 -4.09
C GLY C 77 3.69 -4.81 -5.16
N SER C 78 3.32 -3.59 -4.74
CA SER C 78 3.03 -2.56 -5.72
C SER C 78 4.30 -1.89 -6.21
N ALA C 79 4.14 -1.07 -7.23
CA ALA C 79 5.19 -0.14 -7.62
C ALA C 79 5.24 1.06 -6.68
N THR C 80 4.10 1.48 -6.17
CA THR C 80 4.14 2.50 -5.13
C THR C 80 4.81 1.95 -3.88
N GLN C 81 4.64 0.66 -3.62
CA GLN C 81 5.36 0.03 -2.52
C GLN C 81 6.86 -0.03 -2.74
N LEU C 82 7.32 -0.09 -3.98
CA LEU C 82 8.77 -0.16 -4.22
C LEU C 82 9.46 1.18 -4.00
N ARG C 83 8.91 2.27 -4.56
CA ARG C 83 9.55 3.57 -4.41
C ARG C 83 9.76 3.91 -2.93
N ASP C 84 8.75 3.61 -2.11
CA ASP C 84 8.85 3.86 -0.67
C ASP C 84 10.02 3.11 -0.08
N ALA C 85 10.25 1.89 -0.56
CA ALA C 85 11.38 1.09 -0.11
C ALA C 85 12.68 1.68 -0.64
N VAL C 86 12.69 2.10 -1.90
CA VAL C 86 13.86 2.75 -2.46
C VAL C 86 14.05 4.07 -1.75
N SER C 87 12.93 4.72 -1.41
CA SER C 87 12.98 5.94 -0.61
C SER C 87 13.77 5.71 0.67
N LYS C 88 13.43 4.67 1.42
CA LYS C 88 14.03 4.47 2.74
C LYS C 88 15.54 4.28 2.63
N HIS C 89 15.98 3.32 1.81
CA HIS C 89 17.35 2.81 1.85
C HIS C 89 18.33 3.59 0.98
N ALA C 90 17.84 4.53 0.17
CA ALA C 90 18.69 5.17 -0.82
C ALA C 90 19.72 6.13 -0.20
N PRO C 91 19.37 7.00 0.75
CA PRO C 91 20.36 8.01 1.17
C PRO C 91 21.61 7.42 1.76
N ASP C 92 21.58 6.14 2.12
CA ASP C 92 22.74 5.44 2.63
C ASP C 92 23.62 4.85 1.55
N ALA C 93 23.03 4.50 0.39
CA ALA C 93 23.69 3.62 -0.56
C ALA C 93 24.69 4.35 -1.43
N ASN C 94 25.75 3.62 -1.79
CA ASN C 94 26.74 4.09 -2.75
C ASN C 94 26.40 3.71 -4.19
N VAL C 95 25.73 2.57 -4.39
CA VAL C 95 25.42 2.07 -5.72
C VAL C 95 24.00 1.53 -5.76
N LEU C 96 23.27 1.81 -6.83
CA LEU C 96 21.91 1.34 -7.03
C LEU C 96 21.81 0.57 -8.33
N VAL C 97 21.11 -0.56 -8.29
CA VAL C 97 20.92 -1.42 -9.46
C VAL C 97 19.42 -1.63 -9.66
N MET C 98 18.86 -1.10 -10.75
CA MET C 98 17.43 -1.13 -10.95
C MET C 98 17.07 -2.14 -12.03
N ALA C 99 17.23 -3.42 -11.70
CA ALA C 99 16.87 -4.50 -12.61
C ALA C 99 15.46 -5.00 -12.39
N ALA C 100 14.66 -4.28 -11.61
CA ALA C 100 13.27 -4.67 -11.40
C ALA C 100 12.40 -4.18 -12.55
N ALA C 101 11.48 -5.03 -12.98
CA ALA C 101 10.48 -4.68 -13.99
C ALA C 101 9.30 -3.99 -13.30
N VAL C 102 9.41 -2.65 -13.14
CA VAL C 102 8.40 -1.90 -12.40
C VAL C 102 7.31 -1.49 -13.37
N ALA C 103 6.07 -1.61 -12.93
CA ALA C 103 4.94 -1.33 -13.79
C ALA C 103 4.87 0.17 -14.10
N ASP C 104 4.56 0.48 -15.37
CA ASP C 104 4.50 1.87 -15.84
C ASP C 104 3.22 2.61 -15.38
N PHE C 105 2.13 1.89 -15.03
CA PHE C 105 0.85 2.51 -14.74
C PHE C 105 0.20 1.89 -13.51
N ARG C 106 -0.95 2.47 -13.11
CA ARG C 106 -1.74 1.85 -12.06
C ARG C 106 -3.20 2.23 -12.29
N PRO C 107 -4.14 1.39 -11.84
CA PRO C 107 -5.57 1.71 -12.04
C PRO C 107 -5.91 3.00 -11.35
N ALA C 108 -6.85 3.73 -11.95
CA ALA C 108 -7.33 4.97 -11.34
C ALA C 108 -7.97 4.73 -9.99
N HIS C 109 -8.67 3.60 -9.81
CA HIS C 109 -9.40 3.29 -8.59
C HIS C 109 -9.10 1.88 -8.08
N VAL C 110 -9.04 1.73 -6.76
CA VAL C 110 -8.93 0.41 -6.13
C VAL C 110 -10.18 0.13 -5.31
N ALA C 111 -10.78 -1.05 -5.52
CA ALA C 111 -11.87 -1.51 -4.68
C ALA C 111 -11.32 -2.16 -3.40
N ALA C 112 -11.96 -1.86 -2.26
CA ALA C 112 -11.58 -2.51 -1.01
C ALA C 112 -12.08 -3.93 -0.94
N ALA C 113 -13.17 -4.21 -1.65
CA ALA C 113 -13.80 -5.52 -1.73
C ALA C 113 -13.92 -5.91 -3.20
N LYS C 114 -14.19 -7.19 -3.44
CA LYS C 114 -14.20 -7.72 -4.79
C LYS C 114 -15.22 -7.00 -5.66
N ILE C 115 -14.85 -6.76 -6.91
CA ILE C 115 -15.72 -6.05 -7.85
C ILE C 115 -16.60 -7.11 -8.49
N LYS C 116 -17.91 -6.97 -8.34
CA LYS C 116 -18.83 -8.03 -8.72
C LYS C 116 -19.35 -7.81 -10.14
N LYS C 117 -19.53 -8.93 -10.85
CA LYS C 117 -19.90 -8.90 -12.27
C LYS C 117 -21.43 -8.80 -12.45
N PRO C 122 -19.27 -3.99 -18.05
CA PRO C 122 -18.26 -3.35 -17.19
C PRO C 122 -17.27 -2.51 -17.98
N SER C 123 -17.04 -1.29 -17.50
CA SER C 123 -16.50 -0.23 -18.34
C SER C 123 -14.98 -0.34 -18.45
N SER C 124 -14.43 0.56 -19.26
CA SER C 124 -13.01 0.61 -19.54
C SER C 124 -12.24 1.01 -18.29
N ILE C 125 -11.03 0.49 -18.17
CA ILE C 125 -10.22 0.71 -16.98
C ILE C 125 -9.42 1.99 -17.15
N ASP C 126 -9.57 2.91 -16.20
CA ASP C 126 -8.86 4.16 -16.25
C ASP C 126 -7.55 4.06 -15.47
N LEU C 127 -6.51 4.74 -15.96
CA LEU C 127 -5.15 4.49 -15.51
C LEU C 127 -4.38 5.78 -15.21
N VAL C 128 -3.36 5.62 -14.36
CA VAL C 128 -2.48 6.69 -13.91
C VAL C 128 -1.04 6.20 -13.94
N ARG C 129 -0.14 7.03 -14.50
CA ARG C 129 1.26 6.65 -14.63
C ARG C 129 1.94 6.63 -13.26
N ASN C 130 2.88 5.72 -13.10
CA ASN C 130 3.66 5.69 -11.89
C ASN C 130 4.86 6.63 -12.01
N ASP C 131 5.34 7.09 -10.88
CA ASP C 131 6.50 7.96 -10.89
C ASP C 131 7.70 7.17 -11.39
N ASP C 132 8.51 7.79 -12.24
CA ASP C 132 9.67 7.12 -12.79
C ASP C 132 10.73 7.02 -11.72
N VAL C 133 10.91 5.83 -11.15
CA VAL C 133 11.81 5.71 -10.01
C VAL C 133 13.25 5.91 -10.46
N LEU C 134 13.62 5.33 -11.58
CA LEU C 134 15.01 5.44 -12.03
C LEU C 134 15.36 6.88 -12.39
N ALA C 135 14.42 7.61 -12.99
CA ALA C 135 14.71 9.01 -13.28
C ALA C 135 14.80 9.85 -12.01
N GLY C 136 13.95 9.55 -11.02
CA GLY C 136 13.96 10.32 -9.77
C GLY C 136 15.27 10.23 -8.99
N ALA C 137 15.95 9.09 -9.10
CA ALA C 137 17.25 8.95 -8.45
C ALA C 137 18.30 9.79 -9.15
N VAL C 138 18.20 9.92 -10.48
CA VAL C 138 19.18 10.69 -11.25
C VAL C 138 19.09 12.16 -10.90
N ARG C 139 17.89 12.72 -10.91
CA ARG C 139 17.70 14.09 -10.47
C ARG C 139 18.04 14.23 -8.99
N ALA C 140 17.67 13.25 -8.17
CA ALA C 140 17.97 13.33 -6.75
C ALA C 140 19.46 13.51 -6.52
N ARG C 141 20.29 12.66 -7.12
CA ARG C 141 21.72 12.78 -6.89
C ARG C 141 22.21 14.13 -7.38
N ALA C 142 21.86 14.49 -8.62
CA ALA C 142 22.29 15.76 -9.20
C ALA C 142 21.72 16.95 -8.43
N ASP C 143 20.55 16.78 -7.84
CA ASP C 143 20.03 17.85 -7.01
C ASP C 143 20.64 17.77 -5.62
N GLY C 144 21.55 16.80 -5.41
CA GLY C 144 22.27 16.69 -4.15
C GLY C 144 21.49 16.01 -3.04
N GLN C 145 20.35 15.41 -3.34
CA GLN C 145 19.60 14.71 -2.30
C GLN C 145 20.24 13.39 -1.92
N LEU C 146 21.25 12.94 -2.68
CA LEU C 146 21.91 11.65 -2.47
C LEU C 146 23.42 11.85 -2.40
N PRO C 147 23.93 12.29 -1.24
CA PRO C 147 25.38 12.55 -1.13
C PRO C 147 26.26 11.31 -1.23
N ASN C 148 25.74 10.12 -0.90
CA ASN C 148 26.60 8.95 -0.89
C ASN C 148 26.56 8.15 -2.17
N MET C 149 25.55 8.33 -3.01
CA MET C 149 25.42 7.45 -4.16
C MET C 149 26.44 7.78 -5.22
N ARG C 150 27.27 6.80 -5.54
CA ARG C 150 28.28 7.00 -6.56
C ARG C 150 27.98 6.31 -7.90
N ALA C 151 27.00 5.40 -7.98
CA ALA C 151 26.77 4.74 -9.27
C ALA C 151 25.33 4.24 -9.39
N ILE C 152 24.74 4.44 -10.57
CA ILE C 152 23.35 4.14 -10.83
C ILE C 152 23.22 3.33 -12.12
N VAL C 153 22.65 2.12 -12.02
CA VAL C 153 22.58 1.18 -13.14
C VAL C 153 21.12 0.91 -13.52
N GLY C 154 20.79 1.07 -14.81
CA GLY C 154 19.49 0.75 -15.35
C GLY C 154 19.50 -0.46 -16.27
N PHE C 155 18.29 -0.96 -16.58
CA PHE C 155 18.12 -2.14 -17.41
C PHE C 155 17.09 -1.94 -18.51
N ALA C 156 17.41 -2.33 -19.74
CA ALA C 156 16.45 -2.23 -20.84
C ALA C 156 16.45 -3.50 -21.69
N ALA C 157 15.28 -3.80 -22.25
CA ALA C 157 15.09 -4.76 -23.33
C ALA C 157 14.50 -4.02 -24.53
N GLU C 158 15.08 -4.22 -25.71
CA GLU C 158 14.68 -3.46 -26.88
C GLU C 158 14.44 -4.37 -28.09
N THR C 159 13.79 -3.78 -29.08
CA THR C 159 13.38 -4.52 -30.24
C THR C 159 13.68 -3.94 -31.60
N GLY C 160 13.49 -2.67 -31.82
CA GLY C 160 13.65 -2.19 -33.17
C GLY C 160 12.41 -2.27 -34.00
N ASP C 161 12.01 -1.18 -34.62
CA ASP C 161 10.76 -1.13 -35.35
C ASP C 161 10.63 -0.03 -36.36
N ALA C 162 9.46 0.31 -36.74
CA ALA C 162 9.35 1.30 -37.76
C ALA C 162 9.87 2.64 -37.43
N ASN C 163 10.24 2.86 -36.19
CA ASN C 163 10.70 4.16 -35.77
C ASN C 163 12.15 4.12 -35.56
N GLY C 164 12.73 2.96 -35.42
CA GLY C 164 14.16 2.85 -35.31
C GLY C 164 14.65 1.46 -35.06
N ASP C 165 15.96 1.27 -34.96
CA ASP C 165 16.56 -0.05 -34.79
C ASP C 165 16.85 -0.27 -33.36
N VAL C 166 17.15 -1.49 -32.95
CA VAL C 166 17.35 -1.68 -31.50
C VAL C 166 18.23 -0.58 -30.95
N LEU C 167 19.33 -0.29 -31.64
CA LEU C 167 20.39 0.51 -31.05
C LEU C 167 20.01 1.97 -30.99
N PHE C 168 19.32 2.46 -32.02
CA PHE C 168 18.67 3.76 -31.93
C PHE C 168 17.77 3.83 -30.70
N HIS C 169 17.09 2.73 -30.42
CA HIS C 169 16.08 2.76 -29.36
C HIS C 169 16.73 2.66 -28.01
N ALA C 170 17.57 1.67 -27.83
CA ALA C 170 18.19 1.53 -26.51
C ALA C 170 19.09 2.71 -26.21
N ARG C 171 19.70 3.31 -27.24
CA ARG C 171 20.49 4.51 -26.99
C ARG C 171 19.63 5.69 -26.59
N ALA C 172 18.44 5.83 -27.18
CA ALA C 172 17.53 6.89 -26.77
C ALA C 172 17.18 6.77 -25.30
N LYS C 173 16.92 5.53 -24.84
CA LYS C 173 16.53 5.31 -23.45
C LYS C 173 17.64 5.71 -22.50
N LEU C 174 18.90 5.52 -22.89
CA LEU C 174 19.98 5.94 -22.00
C LEU C 174 19.95 7.45 -21.77
N GLU C 175 19.68 8.23 -22.82
CA GLU C 175 19.64 9.68 -22.67
C GLU C 175 18.41 10.15 -21.93
N ARG C 176 17.27 9.49 -22.10
CA ARG C 176 16.11 9.95 -21.35
C ARG C 176 16.25 9.61 -19.87
N LYS C 177 16.81 8.46 -19.59
CA LYS C 177 16.89 8.02 -18.22
C LYS C 177 17.99 8.72 -17.54
N GLY C 178 19.13 8.71 -18.15
CA GLY C 178 20.28 9.40 -17.60
C GLY C 178 21.12 8.68 -16.55
N CYS C 179 21.23 7.34 -16.59
CA CYS C 179 21.94 6.58 -15.56
C CYS C 179 23.42 6.37 -15.91
N ASP C 180 24.16 5.79 -14.95
CA ASP C 180 25.61 5.64 -15.12
C ASP C 180 25.93 4.53 -16.12
N LEU C 181 25.21 3.41 -16.02
CA LEU C 181 25.34 2.26 -16.91
C LEU C 181 23.95 1.80 -17.26
N LEU C 182 23.83 1.16 -18.40
CA LEU C 182 22.56 0.62 -18.84
C LEU C 182 22.81 -0.78 -19.34
N VAL C 183 22.10 -1.75 -18.79
CA VAL C 183 22.28 -3.14 -19.20
C VAL C 183 21.09 -3.51 -20.07
N VAL C 184 21.38 -3.56 -21.39
CA VAL C 184 20.39 -3.87 -22.41
C VAL C 184 20.39 -5.27 -22.97
N ASN C 185 19.21 -5.79 -23.27
CA ASN C 185 19.07 -7.07 -23.91
C ASN C 185 17.99 -6.88 -25.01
N ALA C 186 17.39 -7.96 -25.47
CA ALA C 186 16.39 -7.85 -26.56
C ALA C 186 15.17 -8.75 -26.55
N VAL C 187 14.15 -8.45 -25.73
CA VAL C 187 12.89 -9.23 -25.75
C VAL C 187 11.63 -8.39 -25.80
N ASP C 199 22.84 -12.36 -26.95
CA ASP C 199 23.22 -10.99 -27.31
C ASP C 199 22.90 -9.96 -26.18
N GLY C 200 23.20 -8.68 -26.44
CA GLY C 200 23.02 -7.63 -25.46
C GLY C 200 24.20 -6.67 -25.42
N TRP C 201 24.13 -5.65 -24.56
CA TRP C 201 25.15 -4.60 -24.54
C TRP C 201 25.30 -3.98 -23.16
N LEU C 202 26.47 -3.36 -22.95
CA LEU C 202 26.78 -2.52 -21.81
C LEU C 202 27.10 -1.11 -22.29
N LEU C 203 26.23 -0.15 -21.98
CA LEU C 203 26.34 1.21 -22.48
C LEU C 203 26.80 2.07 -21.32
N SER C 204 27.97 2.66 -21.40
CA SER C 204 28.42 3.48 -20.36
C SER C 204 28.08 4.88 -20.67
N ALA C 205 28.37 5.73 -19.72
CA ALA C 205 28.13 7.14 -19.91
C ALA C 205 29.30 7.83 -20.59
N ASP C 206 30.44 7.16 -20.75
CA ASP C 206 31.55 7.83 -21.39
C ASP C 206 31.37 7.94 -22.89
N GLY C 207 30.27 7.43 -23.41
CA GLY C 207 30.22 7.06 -24.79
C GLY C 207 30.74 5.67 -25.00
N THR C 208 31.25 5.02 -23.94
CA THR C 208 31.72 3.64 -24.04
C THR C 208 30.53 2.71 -24.29
N GLU C 209 30.72 1.75 -25.20
CA GLU C 209 29.72 0.72 -25.51
C GLU C 209 30.40 -0.64 -25.54
N SER C 210 29.83 -1.67 -25.01
CA SER C 210 30.47 -2.94 -25.05
C SER C 210 29.41 -3.95 -25.23
N ALA C 211 29.77 -5.14 -25.68
CA ALA C 211 28.78 -6.13 -25.96
C ALA C 211 28.71 -7.13 -24.91
N LEU C 212 27.51 -7.60 -24.67
CA LEU C 212 27.30 -8.52 -23.61
C LEU C 212 26.79 -9.72 -24.29
N GLU C 213 27.42 -10.85 -24.03
CA GLU C 213 27.04 -12.08 -24.68
C GLU C 213 25.91 -12.79 -24.03
N HIS C 214 25.73 -14.04 -24.42
CA HIS C 214 24.60 -14.79 -23.93
C HIS C 214 24.89 -15.92 -23.00
N GLY C 215 25.85 -15.74 -22.10
CA GLY C 215 26.24 -16.79 -21.22
C GLY C 215 25.35 -17.11 -20.07
N SER C 216 25.95 -17.53 -18.97
CA SER C 216 25.15 -17.73 -17.78
C SER C 216 24.59 -16.39 -17.27
N LYS C 217 23.50 -16.49 -16.53
CA LYS C 217 23.04 -15.33 -15.76
C LYS C 217 24.07 -14.93 -14.71
N THR C 218 24.98 -15.86 -14.37
CA THR C 218 26.09 -15.63 -13.45
C THR C 218 27.23 -14.85 -14.11
N LEU C 219 27.66 -15.29 -15.31
CA LEU C 219 28.71 -14.60 -16.04
C LEU C 219 28.26 -13.22 -16.52
N MET C 220 27.02 -13.12 -16.99
CA MET C 220 26.48 -11.81 -17.34
C MET C 220 26.60 -10.89 -16.14
N ALA C 221 26.20 -11.40 -14.96
CA ALA C 221 26.26 -10.62 -13.73
C ALA C 221 27.67 -10.16 -13.42
N THR C 222 28.66 -11.00 -13.70
CA THR C 222 30.03 -10.61 -13.45
C THR C 222 30.47 -9.48 -14.36
N ARG C 223 30.21 -9.61 -15.67
CA ARG C 223 30.62 -8.55 -16.57
C ARG C 223 29.93 -7.24 -16.19
N ILE C 224 28.67 -7.32 -15.76
CA ILE C 224 27.94 -6.13 -15.34
C ILE C 224 28.58 -5.55 -14.08
N VAL C 225 28.78 -6.39 -13.07
CA VAL C 225 29.46 -5.91 -11.88
C VAL C 225 30.86 -5.43 -12.24
N ASP C 226 31.52 -6.13 -13.18
CA ASP C 226 32.81 -5.66 -13.67
C ASP C 226 32.70 -4.27 -14.25
N SER C 227 31.67 -4.04 -15.06
CA SER C 227 31.44 -2.71 -15.59
C SER C 227 31.25 -1.71 -14.48
N ILE C 228 30.67 -2.17 -13.37
CA ILE C 228 30.41 -1.29 -12.24
C ILE C 228 31.71 -0.88 -11.55
N ALA C 229 32.59 -1.84 -11.30
CA ALA C 229 33.86 -1.55 -10.62
C ALA C 229 34.65 -0.47 -11.34
N ALA C 230 34.76 -0.59 -12.66
CA ALA C 230 35.53 0.40 -13.43
C ALA C 230 35.08 1.82 -13.15
N PHE C 231 33.76 2.03 -13.12
CA PHE C 231 33.23 3.38 -12.94
C PHE C 231 33.62 3.96 -11.59
N LEU C 232 33.53 3.18 -10.54
CA LEU C 232 33.84 3.65 -9.18
C LEU C 232 35.29 3.99 -9.04
N LYS C 233 36.11 3.51 -9.94
CA LYS C 233 37.53 3.84 -9.99
C LYS C 233 37.80 5.22 -10.62
N SER C 234 36.96 5.66 -11.56
CA SER C 234 37.24 6.87 -12.32
C SER C 234 37.40 8.11 -11.44
N GLN C 235 36.73 8.17 -10.29
CA GLN C 235 36.95 9.25 -9.32
C GLN C 235 38.35 9.18 -8.70
N HIS D 7 -9.12 -47.01 1.95
CA HIS D 7 -10.03 -47.38 0.87
C HIS D 7 -9.90 -46.44 -0.33
N HIS D 8 -9.92 -47.02 -1.54
CA HIS D 8 -9.81 -46.30 -2.81
C HIS D 8 -11.20 -45.84 -3.28
N ASP D 9 -11.65 -44.70 -2.73
CA ASP D 9 -13.02 -44.25 -2.98
C ASP D 9 -13.27 -43.93 -4.45
N MET D 10 -12.21 -43.60 -5.20
CA MET D 10 -12.33 -43.07 -6.55
C MET D 10 -11.70 -44.01 -7.58
N ALA D 11 -11.74 -45.30 -7.33
CA ALA D 11 -11.09 -46.23 -8.23
C ALA D 11 -11.79 -46.23 -9.59
N GLY D 12 -10.98 -46.23 -10.65
CA GLY D 12 -11.49 -46.37 -12.01
C GLY D 12 -12.34 -45.22 -12.51
N VAL D 13 -12.07 -43.99 -12.07
CA VAL D 13 -12.83 -42.82 -12.50
C VAL D 13 -11.88 -41.84 -13.19
N LYS D 14 -12.30 -41.33 -14.35
CA LYS D 14 -11.55 -40.32 -15.07
C LYS D 14 -12.03 -38.93 -14.69
N ALA D 15 -11.12 -38.09 -14.15
CA ALA D 15 -11.48 -36.77 -13.65
C ALA D 15 -10.54 -35.71 -14.22
N LEU D 16 -11.12 -34.60 -14.70
CA LEU D 16 -10.36 -33.51 -15.30
C LEU D 16 -10.46 -32.34 -14.33
N VAL D 17 -9.31 -31.75 -13.98
CA VAL D 17 -9.22 -30.75 -12.92
C VAL D 17 -8.49 -29.51 -13.44
N THR D 18 -9.01 -28.34 -13.09
CA THR D 18 -8.43 -27.05 -13.48
C THR D 18 -7.96 -26.27 -12.26
N ALA D 19 -6.79 -25.64 -12.39
CA ALA D 19 -6.21 -25.00 -11.21
C ALA D 19 -5.33 -23.83 -11.63
N GLY D 20 -5.18 -22.86 -10.72
CA GLY D 20 -4.38 -21.68 -10.93
C GLY D 20 -5.20 -20.52 -11.43
N GLY D 21 -4.49 -19.45 -11.77
CA GLY D 21 -5.12 -18.25 -12.29
C GLY D 21 -4.65 -17.97 -13.70
N THR D 22 -5.45 -17.24 -14.49
CA THR D 22 -5.09 -16.93 -15.87
C THR D 22 -4.43 -15.55 -16.02
N ARG D 23 -3.84 -15.36 -17.20
CA ARG D 23 -3.11 -14.17 -17.58
C ARG D 23 -3.70 -13.71 -18.90
N GLU D 24 -4.28 -12.50 -18.92
CA GLU D 24 -4.87 -11.99 -20.13
C GLU D 24 -3.90 -10.99 -20.76
N PRO D 25 -3.18 -11.35 -21.83
CA PRO D 25 -2.11 -10.47 -22.33
C PRO D 25 -2.61 -9.21 -23.02
N LEU D 26 -1.93 -8.10 -22.74
CA LEU D 26 -2.07 -6.86 -23.49
C LEU D 26 -1.01 -6.71 -24.57
N ASP D 27 0.10 -7.40 -24.41
CA ASP D 27 1.23 -7.33 -25.31
C ASP D 27 2.19 -8.44 -24.89
N PRO D 28 3.33 -8.59 -25.56
CA PRO D 28 4.26 -9.67 -25.19
C PRO D 28 4.69 -9.72 -23.72
N VAL D 29 4.58 -8.61 -22.99
CA VAL D 29 5.19 -8.54 -21.66
C VAL D 29 4.18 -8.43 -20.53
N ARG D 30 3.32 -7.43 -20.65
CA ARG D 30 2.28 -7.16 -19.66
C ARG D 30 0.91 -7.83 -19.90
N PHE D 31 0.16 -8.08 -18.86
CA PHE D 31 -1.09 -8.85 -18.97
C PHE D 31 -2.03 -8.46 -17.82
N ILE D 32 -3.11 -9.22 -17.65
CA ILE D 32 -4.07 -9.04 -16.55
C ILE D 32 -4.30 -10.38 -15.87
N GLY D 33 -4.12 -10.42 -14.55
CA GLY D 33 -4.17 -11.68 -13.82
C GLY D 33 -4.74 -11.53 -12.43
N ASN D 34 -4.97 -12.68 -11.81
CA ASN D 34 -5.49 -12.69 -10.49
C ASN D 34 -4.56 -13.45 -9.64
N ARG D 35 -4.65 -13.25 -8.34
CA ARG D 35 -3.84 -14.04 -7.48
C ARG D 35 -4.50 -15.34 -7.30
N SER D 36 -3.72 -16.36 -7.12
CA SER D 36 -4.22 -17.67 -6.89
C SER D 36 -2.94 -18.35 -6.71
N SER D 37 -2.99 -19.47 -6.09
CA SER D 37 -1.83 -20.20 -5.88
C SER D 37 -2.08 -21.36 -6.74
N GLY D 38 -3.27 -21.90 -6.70
CA GLY D 38 -3.58 -23.09 -7.41
C GLY D 38 -3.46 -24.16 -6.38
N LYS D 39 -2.93 -23.85 -5.23
CA LYS D 39 -2.68 -24.80 -4.18
C LYS D 39 -3.86 -25.54 -3.71
N GLN D 40 -5.01 -24.91 -3.67
CA GLN D 40 -6.22 -25.65 -3.36
C GLN D 40 -6.56 -26.65 -4.48
N GLY D 41 -6.46 -26.21 -5.74
CA GLY D 41 -6.79 -27.10 -6.86
C GLY D 41 -5.82 -28.25 -7.03
N TYR D 42 -4.52 -27.97 -6.94
CA TYR D 42 -3.52 -29.03 -6.94
C TYR D 42 -3.85 -30.07 -5.86
N ALA D 43 -4.40 -29.62 -4.71
CA ALA D 43 -4.68 -30.54 -3.62
C ALA D 43 -5.74 -31.57 -4.00
N VAL D 44 -6.77 -31.14 -4.71
CA VAL D 44 -7.83 -32.07 -5.03
C VAL D 44 -7.37 -33.03 -6.13
N ALA D 45 -6.61 -32.51 -7.11
CA ALA D 45 -6.01 -33.40 -8.10
C ALA D 45 -5.14 -34.42 -7.38
N ARG D 46 -4.40 -33.97 -6.37
CA ARG D 46 -3.62 -34.89 -5.57
C ARG D 46 -4.51 -35.87 -4.83
N VAL D 47 -5.57 -35.38 -4.18
CA VAL D 47 -6.43 -36.26 -3.43
C VAL D 47 -7.11 -37.26 -4.34
N LEU D 48 -7.60 -36.80 -5.49
CA LEU D 48 -8.22 -37.69 -6.48
C LEU D 48 -7.25 -38.77 -6.97
N ALA D 49 -6.03 -38.37 -7.35
CA ALA D 49 -5.08 -39.33 -7.89
C ALA D 49 -4.75 -40.45 -6.90
N GLN D 50 -4.67 -40.11 -5.60
CA GLN D 50 -4.36 -41.10 -4.58
C GLN D 50 -5.44 -42.16 -4.43
N ARG D 51 -6.70 -41.82 -4.69
CA ARG D 51 -7.78 -42.73 -4.41
C ARG D 51 -8.15 -43.58 -5.64
N GLY D 52 -7.27 -43.60 -6.64
CA GLY D 52 -7.40 -44.48 -7.77
C GLY D 52 -7.85 -43.83 -9.05
N ALA D 53 -7.88 -42.50 -9.10
CA ALA D 53 -8.46 -41.81 -10.23
C ALA D 53 -7.40 -41.46 -11.27
N ASP D 54 -7.82 -41.49 -12.53
CA ASP D 54 -6.97 -41.09 -13.65
C ASP D 54 -7.26 -39.61 -13.85
N VAL D 55 -6.34 -38.77 -13.36
CA VAL D 55 -6.54 -37.32 -13.30
C VAL D 55 -5.72 -36.65 -14.40
N THR D 56 -6.34 -35.65 -15.05
CA THR D 56 -5.65 -34.74 -15.97
C THR D 56 -5.83 -33.35 -15.39
N LEU D 57 -4.72 -32.68 -15.11
CA LEU D 57 -4.71 -31.38 -14.43
C LEU D 57 -4.25 -30.30 -15.38
N ILE D 58 -5.16 -29.39 -15.68
CA ILE D 58 -4.86 -28.16 -16.42
C ILE D 58 -4.45 -27.07 -15.44
N ALA D 59 -3.24 -26.55 -15.64
CA ALA D 59 -2.56 -25.68 -14.68
C ALA D 59 -2.28 -24.35 -15.35
N GLY D 60 -2.60 -23.26 -14.65
CA GLY D 60 -2.46 -21.93 -15.22
C GLY D 60 -1.24 -21.16 -14.82
N ASN D 61 -1.19 -20.65 -13.59
CA ASN D 61 -0.08 -19.84 -13.10
C ASN D 61 0.53 -20.58 -11.92
N THR D 62 1.26 -21.65 -12.21
CA THR D 62 1.81 -22.47 -11.14
C THR D 62 3.24 -22.92 -11.46
N ALA D 63 4.00 -22.07 -12.16
CA ALA D 63 5.36 -22.44 -12.57
C ALA D 63 6.23 -22.84 -11.38
N GLY D 64 5.98 -22.27 -10.21
CA GLY D 64 6.68 -22.71 -9.02
C GLY D 64 6.05 -23.88 -8.27
N LEU D 65 4.82 -24.25 -8.58
CA LEU D 65 4.25 -25.44 -7.97
C LEU D 65 4.79 -26.69 -8.67
N ILE D 66 4.97 -27.75 -7.90
CA ILE D 66 5.50 -28.98 -8.46
C ILE D 66 4.35 -29.87 -8.86
N ASP D 67 4.53 -30.57 -9.95
CA ASP D 67 3.50 -31.40 -10.49
C ASP D 67 3.11 -32.52 -9.53
N PRO D 68 1.81 -32.78 -9.33
CA PRO D 68 1.39 -33.92 -8.52
C PRO D 68 1.75 -35.24 -9.19
N ALA D 69 2.13 -36.23 -8.36
CA ALA D 69 2.50 -37.53 -8.90
C ALA D 69 1.25 -38.24 -9.39
N GLY D 70 1.37 -38.96 -10.52
CA GLY D 70 0.23 -39.64 -11.08
C GLY D 70 -0.82 -38.75 -11.71
N VAL D 71 -0.52 -37.47 -11.92
CA VAL D 71 -1.45 -36.54 -12.56
C VAL D 71 -0.81 -36.10 -13.88
N GLU D 72 -1.52 -36.33 -15.00
CA GLU D 72 -1.10 -35.89 -16.33
C GLU D 72 -1.32 -34.39 -16.51
N MET D 73 -0.25 -33.66 -16.85
CA MET D 73 -0.26 -32.21 -16.83
C MET D 73 -0.46 -31.63 -18.22
N VAL D 74 -1.32 -30.61 -18.28
CA VAL D 74 -1.53 -29.78 -19.45
C VAL D 74 -1.47 -28.35 -18.95
N HIS D 75 -0.75 -27.47 -19.64
CA HIS D 75 -0.52 -26.11 -19.19
C HIS D 75 -1.00 -25.01 -20.11
N ILE D 76 -1.63 -24.00 -19.54
CA ILE D 76 -2.16 -22.91 -20.31
C ILE D 76 -1.77 -21.56 -19.76
N GLY D 77 -2.25 -20.51 -20.39
CA GLY D 77 -1.96 -19.16 -19.95
C GLY D 77 -3.21 -18.34 -19.86
N SER D 78 -3.86 -18.10 -20.97
CA SER D 78 -5.07 -17.32 -21.00
C SER D 78 -6.26 -18.13 -20.76
N ALA D 79 -7.41 -17.51 -20.81
CA ALA D 79 -8.63 -18.18 -20.50
C ALA D 79 -9.20 -18.78 -21.70
N THR D 80 -8.84 -18.24 -22.83
CA THR D 80 -9.27 -18.79 -24.05
C THR D 80 -8.41 -19.99 -24.28
N GLN D 81 -7.15 -19.94 -23.89
CA GLN D 81 -6.28 -21.11 -24.02
C GLN D 81 -6.81 -22.23 -23.16
N LEU D 82 -7.49 -21.89 -22.08
CA LEU D 82 -8.07 -22.89 -21.22
C LEU D 82 -9.29 -23.52 -21.86
N ARG D 83 -10.15 -22.69 -22.43
CA ARG D 83 -11.35 -23.16 -23.07
C ARG D 83 -11.03 -24.19 -24.17
N ASP D 84 -10.01 -23.91 -25.00
CA ASP D 84 -9.60 -24.90 -25.98
C ASP D 84 -9.12 -26.17 -25.28
N ALA D 85 -8.44 -26.01 -24.14
CA ALA D 85 -7.88 -27.13 -23.40
C ALA D 85 -8.98 -27.99 -22.81
N VAL D 86 -10.00 -27.38 -22.26
CA VAL D 86 -11.08 -28.18 -21.71
C VAL D 86 -11.83 -28.88 -22.84
N SER D 87 -12.10 -28.13 -23.92
CA SER D 87 -12.76 -28.70 -25.10
C SER D 87 -11.91 -29.74 -25.80
N LYS D 88 -10.69 -29.91 -25.35
CA LYS D 88 -9.78 -30.92 -25.84
C LYS D 88 -9.82 -32.20 -25.02
N HIS D 89 -10.03 -32.07 -23.69
CA HIS D 89 -9.87 -33.15 -22.72
C HIS D 89 -11.18 -33.60 -22.10
N ALA D 90 -12.28 -32.95 -22.41
CA ALA D 90 -13.57 -33.17 -21.78
C ALA D 90 -14.20 -34.53 -22.10
N PRO D 91 -14.20 -34.99 -23.36
CA PRO D 91 -14.90 -36.25 -23.66
C PRO D 91 -14.30 -37.46 -22.96
N ASP D 92 -13.11 -37.32 -22.37
CA ASP D 92 -12.56 -38.42 -21.62
C ASP D 92 -13.06 -38.46 -20.19
N ALA D 93 -13.43 -37.30 -19.64
CA ALA D 93 -13.64 -37.19 -18.20
C ALA D 93 -15.00 -37.72 -17.80
N ASN D 94 -15.05 -38.30 -16.61
CA ASN D 94 -16.31 -38.65 -15.96
C ASN D 94 -16.77 -37.55 -15.04
N VAL D 95 -15.82 -36.80 -14.49
CA VAL D 95 -16.07 -35.77 -13.49
C VAL D 95 -15.25 -34.55 -13.88
N LEU D 96 -15.83 -33.37 -13.72
CA LEU D 96 -15.11 -32.11 -13.96
C LEU D 96 -15.17 -31.22 -12.73
N VAL D 97 -14.03 -30.66 -12.35
CA VAL D 97 -13.89 -29.79 -11.20
C VAL D 97 -13.18 -28.49 -11.63
N MET D 98 -13.86 -27.36 -11.50
CA MET D 98 -13.36 -26.08 -12.00
C MET D 98 -12.86 -25.22 -10.84
N ALA D 99 -11.72 -25.59 -10.30
CA ALA D 99 -11.10 -24.84 -9.21
C ALA D 99 -10.16 -23.76 -9.73
N ALA D 100 -10.09 -23.57 -11.03
CA ALA D 100 -9.26 -22.52 -11.58
C ALA D 100 -9.97 -21.19 -11.41
N ALA D 101 -9.24 -20.17 -11.00
CA ALA D 101 -9.78 -18.80 -10.91
C ALA D 101 -9.63 -18.13 -12.26
N VAL D 102 -10.63 -18.25 -13.11
CA VAL D 102 -10.50 -17.77 -14.48
C VAL D 102 -11.00 -16.33 -14.60
N ALA D 103 -10.26 -15.54 -15.38
CA ALA D 103 -10.51 -14.11 -15.54
C ALA D 103 -11.77 -13.83 -16.34
N ASP D 104 -12.56 -12.84 -15.86
CA ASP D 104 -13.83 -12.53 -16.50
C ASP D 104 -13.67 -11.76 -17.83
N PHE D 105 -12.60 -10.97 -18.01
CA PHE D 105 -12.43 -10.11 -19.18
C PHE D 105 -10.97 -10.12 -19.64
N ARG D 106 -10.74 -9.56 -20.82
CA ARG D 106 -9.39 -9.45 -21.36
C ARG D 106 -9.33 -8.21 -22.28
N PRO D 107 -8.10 -7.71 -22.52
CA PRO D 107 -7.98 -6.47 -23.33
C PRO D 107 -8.63 -6.63 -24.69
N ALA D 108 -9.23 -5.54 -25.16
CA ALA D 108 -9.92 -5.60 -26.44
C ALA D 108 -8.96 -6.00 -27.55
N HIS D 109 -7.76 -5.46 -27.54
CA HIS D 109 -6.77 -5.72 -28.56
C HIS D 109 -5.48 -6.07 -27.87
N VAL D 110 -4.73 -6.96 -28.49
CA VAL D 110 -3.39 -7.28 -28.03
C VAL D 110 -2.46 -6.74 -29.10
N ALA D 111 -1.47 -5.99 -28.65
CA ALA D 111 -0.44 -5.50 -29.55
C ALA D 111 0.52 -6.63 -29.85
N ALA D 112 1.02 -6.64 -31.07
CA ALA D 112 2.01 -7.63 -31.42
C ALA D 112 3.33 -7.34 -30.74
N ALA D 113 3.56 -6.09 -30.36
CA ALA D 113 4.77 -5.68 -29.63
C ALA D 113 4.44 -4.78 -28.42
N LYS D 114 5.46 -4.58 -27.57
CA LYS D 114 5.39 -3.76 -26.37
C LYS D 114 5.08 -2.30 -26.69
N ILE D 115 4.20 -1.68 -25.88
CA ILE D 115 3.74 -0.30 -26.04
C ILE D 115 4.52 0.66 -25.13
N LYS D 116 4.98 1.77 -25.70
CA LYS D 116 5.90 2.69 -25.05
C LYS D 116 5.15 3.75 -24.24
N LYS D 117 5.76 4.18 -23.14
CA LYS D 117 5.04 5.02 -22.21
C LYS D 117 5.07 6.49 -22.62
N GLY D 118 6.20 6.97 -23.10
CA GLY D 118 6.43 8.39 -23.37
C GLY D 118 5.32 9.41 -23.17
N SER D 123 -4.00 7.24 -20.75
CA SER D 123 -4.33 6.11 -21.59
C SER D 123 -5.45 5.44 -20.86
N SER D 124 -6.12 4.42 -21.42
CA SER D 124 -7.32 3.79 -20.82
C SER D 124 -7.67 2.52 -21.56
N ILE D 125 -8.03 1.53 -20.76
CA ILE D 125 -8.16 0.16 -21.18
C ILE D 125 -9.59 -0.24 -21.44
N ASP D 126 -9.83 -0.67 -22.67
CA ASP D 126 -11.09 -1.24 -23.08
C ASP D 126 -11.02 -2.76 -23.10
N LEU D 127 -12.12 -3.37 -22.65
CA LEU D 127 -12.21 -4.82 -22.50
C LEU D 127 -13.40 -5.57 -23.02
N VAL D 128 -13.27 -6.86 -23.07
CA VAL D 128 -14.31 -7.76 -23.57
C VAL D 128 -14.38 -9.02 -22.71
N ARG D 129 -15.59 -9.52 -22.44
CA ARG D 129 -15.79 -10.66 -21.54
C ARG D 129 -15.22 -11.95 -22.13
N ASN D 130 -14.73 -12.85 -21.26
CA ASN D 130 -14.25 -14.15 -21.71
C ASN D 130 -15.40 -15.17 -21.72
N ASP D 131 -15.33 -16.13 -22.63
CA ASP D 131 -16.39 -17.14 -22.74
C ASP D 131 -16.41 -18.00 -21.48
N ASP D 132 -17.59 -18.26 -20.92
CA ASP D 132 -17.72 -19.03 -19.67
C ASP D 132 -17.54 -20.52 -19.92
N VAL D 133 -16.41 -21.06 -19.45
CA VAL D 133 -16.11 -22.46 -19.72
C VAL D 133 -17.03 -23.39 -18.94
N LEU D 134 -17.21 -23.12 -17.63
CA LEU D 134 -18.01 -23.99 -16.79
C LEU D 134 -19.47 -23.99 -17.23
N ALA D 135 -19.98 -22.82 -17.62
CA ALA D 135 -21.33 -22.76 -18.18
C ALA D 135 -21.40 -23.42 -19.54
N GLY D 136 -20.31 -23.32 -20.32
CA GLY D 136 -20.22 -23.97 -21.62
C GLY D 136 -20.21 -25.49 -21.54
N ALA D 137 -19.64 -26.04 -20.47
CA ALA D 137 -19.72 -27.49 -20.31
C ALA D 137 -21.11 -27.93 -19.83
N VAL D 138 -21.75 -27.18 -18.94
CA VAL D 138 -23.07 -27.58 -18.50
C VAL D 138 -24.03 -27.53 -19.69
N ARG D 139 -23.93 -26.47 -20.50
CA ARG D 139 -24.76 -26.39 -21.69
C ARG D 139 -24.54 -27.58 -22.62
N ALA D 140 -23.27 -27.91 -22.90
CA ALA D 140 -22.94 -29.04 -23.76
C ALA D 140 -23.55 -30.33 -23.22
N ARG D 141 -23.50 -30.54 -21.92
CA ARG D 141 -24.03 -31.74 -21.30
C ARG D 141 -25.47 -31.88 -21.56
N ALA D 142 -26.17 -30.80 -21.33
CA ALA D 142 -27.61 -30.84 -21.51
C ALA D 142 -27.99 -31.29 -22.91
N ASP D 143 -27.12 -31.04 -23.89
CA ASP D 143 -27.36 -31.39 -25.28
C ASP D 143 -26.92 -32.79 -25.67
N GLY D 144 -26.41 -33.60 -24.74
CA GLY D 144 -26.01 -34.93 -25.12
C GLY D 144 -24.66 -35.04 -25.81
N GLN D 145 -23.88 -33.97 -25.84
CA GLN D 145 -22.53 -34.05 -26.37
C GLN D 145 -21.55 -34.65 -25.37
N LEU D 146 -21.96 -34.78 -24.10
CA LEU D 146 -21.10 -35.34 -23.04
C LEU D 146 -21.85 -36.43 -22.30
N PRO D 147 -22.01 -37.60 -22.93
CA PRO D 147 -22.63 -38.72 -22.24
C PRO D 147 -21.78 -39.24 -21.11
N ASN D 148 -20.48 -38.94 -21.13
CA ASN D 148 -19.55 -39.50 -20.16
C ASN D 148 -19.54 -38.72 -18.87
N MET D 149 -20.06 -37.50 -18.88
CA MET D 149 -19.97 -36.64 -17.71
C MET D 149 -20.96 -37.08 -16.64
N ARG D 150 -20.43 -37.46 -15.49
CA ARG D 150 -21.22 -37.82 -14.34
C ARG D 150 -21.22 -36.76 -13.25
N ALA D 151 -20.29 -35.81 -13.27
CA ALA D 151 -20.23 -34.84 -12.19
C ALA D 151 -19.50 -33.59 -12.65
N ILE D 152 -20.05 -32.42 -12.29
CA ILE D 152 -19.48 -31.11 -12.60
C ILE D 152 -19.47 -30.26 -11.33
N VAL D 153 -18.27 -29.82 -10.91
CA VAL D 153 -18.08 -29.13 -9.63
C VAL D 153 -17.54 -27.73 -9.87
N GLY D 154 -18.19 -26.73 -9.28
CA GLY D 154 -17.72 -25.36 -9.36
C GLY D 154 -17.15 -24.87 -8.03
N PHE D 155 -16.47 -23.73 -8.11
CA PHE D 155 -15.83 -23.06 -6.98
C PHE D 155 -16.19 -21.59 -7.00
N ALA D 156 -16.52 -21.05 -5.83
CA ALA D 156 -16.91 -19.65 -5.71
C ALA D 156 -16.57 -19.13 -4.31
N ALA D 157 -16.32 -17.82 -4.24
CA ALA D 157 -16.20 -17.15 -2.95
C ALA D 157 -17.33 -16.11 -2.77
N PHE D 168 -24.30 -13.23 2.54
CA PHE D 168 -22.99 -13.65 2.07
C PHE D 168 -23.09 -15.07 1.54
N HIS D 169 -24.25 -15.37 0.99
CA HIS D 169 -24.46 -16.68 0.40
C HIS D 169 -24.86 -16.53 -1.07
N ALA D 170 -24.40 -17.45 -1.92
CA ALA D 170 -24.69 -17.43 -3.34
C ALA D 170 -25.20 -18.81 -3.77
N ARG D 171 -26.31 -19.22 -3.16
CA ARG D 171 -27.10 -20.31 -3.71
C ARG D 171 -27.69 -19.89 -5.03
N ALA D 172 -27.91 -18.57 -5.18
CA ALA D 172 -28.31 -18.00 -6.45
C ALA D 172 -27.30 -18.39 -7.51
N LYS D 173 -26.02 -18.41 -7.12
CA LYS D 173 -24.96 -18.79 -8.06
C LYS D 173 -25.04 -20.26 -8.46
N LEU D 174 -25.36 -21.17 -7.52
CA LEU D 174 -25.44 -22.58 -7.88
C LEU D 174 -26.59 -22.84 -8.87
N GLU D 175 -27.75 -22.22 -8.63
CA GLU D 175 -28.87 -22.39 -9.54
C GLU D 175 -28.59 -21.67 -10.86
N ARG D 176 -27.84 -20.57 -10.81
CA ARG D 176 -27.47 -19.84 -12.01
C ARG D 176 -26.46 -20.60 -12.85
N LYS D 177 -25.51 -21.30 -12.20
CA LYS D 177 -24.40 -21.96 -12.89
C LYS D 177 -24.77 -23.32 -13.47
N GLY D 178 -25.68 -24.06 -12.82
CA GLY D 178 -26.18 -25.31 -13.36
C GLY D 178 -25.21 -26.48 -13.27
N CYS D 179 -24.29 -26.45 -12.32
CA CYS D 179 -23.31 -27.49 -12.11
C CYS D 179 -23.80 -28.45 -11.04
N ASP D 180 -23.04 -29.51 -10.81
CA ASP D 180 -23.47 -30.50 -9.82
C ASP D 180 -23.23 -30.03 -8.39
N LEU D 181 -22.08 -29.39 -8.13
CA LEU D 181 -21.65 -29.03 -6.78
C LEU D 181 -21.13 -27.60 -6.71
N LEU D 182 -21.12 -27.04 -5.49
CA LEU D 182 -20.61 -25.70 -5.24
C LEU D 182 -19.74 -25.66 -3.99
N VAL D 183 -18.48 -25.23 -4.13
CA VAL D 183 -17.54 -25.12 -3.01
C VAL D 183 -17.33 -23.65 -2.72
N VAL D 184 -17.61 -23.28 -1.50
CA VAL D 184 -17.55 -21.90 -1.18
C VAL D 184 -16.56 -21.54 -0.12
N ASN D 185 -15.81 -20.49 -0.37
CA ASN D 185 -14.94 -19.89 0.63
C ASN D 185 -14.05 -20.95 1.25
N ALA D 186 -13.52 -21.79 0.36
CA ALA D 186 -12.40 -22.68 0.59
C ALA D 186 -11.06 -22.00 0.32
N VAL D 187 -11.08 -21.01 -0.53
CA VAL D 187 -9.89 -20.29 -0.86
C VAL D 187 -9.54 -19.47 0.32
N GLY D 188 -8.54 -19.90 1.04
CA GLY D 188 -8.14 -19.17 2.19
C GLY D 188 -7.20 -19.96 3.03
N GLU D 189 -5.98 -19.51 3.11
CA GLU D 189 -5.03 -20.18 3.98
C GLU D 189 -5.29 -19.91 5.41
N ASN D 190 -5.07 -20.92 6.24
CA ASN D 190 -5.28 -20.77 7.65
C ASN D 190 -4.03 -20.24 8.28
N ARG D 191 -3.43 -19.23 7.67
CA ARG D 191 -2.23 -18.67 8.22
C ARG D 191 -2.53 -17.56 9.18
N ALA D 192 -1.52 -17.17 9.93
CA ALA D 192 -1.66 -16.13 10.88
C ALA D 192 -2.13 -14.93 10.24
N PHE D 193 -3.02 -14.22 10.92
CA PHE D 193 -3.58 -12.99 10.43
C PHE D 193 -4.52 -13.15 9.28
N GLU D 194 -5.01 -14.37 9.07
CA GLU D 194 -6.01 -14.63 8.05
C GLU D 194 -6.98 -13.49 7.79
N HIS D 197 -14.30 -16.21 9.52
CA HIS D 197 -15.70 -16.57 9.45
C HIS D 197 -15.83 -18.03 9.23
N ASN D 198 -17.00 -18.57 9.51
CA ASN D 198 -17.25 -20.00 9.30
C ASN D 198 -17.93 -20.25 7.97
N ASP D 199 -17.48 -19.51 6.96
CA ASP D 199 -18.19 -19.34 5.70
C ASP D 199 -17.83 -20.40 4.66
N GLY D 200 -17.22 -21.48 5.06
CA GLY D 200 -16.87 -22.56 4.14
C GLY D 200 -17.89 -23.65 4.17
N TRP D 201 -18.52 -23.91 3.04
CA TRP D 201 -19.66 -24.81 2.97
C TRP D 201 -19.60 -25.62 1.69
N LEU D 202 -20.28 -26.76 1.66
CA LEU D 202 -20.34 -27.59 0.46
C LEU D 202 -21.78 -27.74 0.02
N LEU D 203 -22.10 -27.21 -1.16
CA LEU D 203 -23.48 -27.12 -1.63
C LEU D 203 -23.74 -28.03 -2.81
N SER D 204 -24.50 -29.10 -2.57
CA SER D 204 -24.97 -29.83 -3.73
C SER D 204 -26.16 -29.08 -4.33
N ALA D 205 -26.46 -29.43 -5.56
CA ALA D 205 -27.61 -28.83 -6.22
C ALA D 205 -28.90 -29.55 -5.88
N ASP D 206 -28.80 -30.65 -5.15
CA ASP D 206 -29.95 -31.42 -4.70
C ASP D 206 -30.70 -30.74 -3.56
N GLY D 207 -30.27 -29.57 -3.13
CA GLY D 207 -30.68 -29.02 -1.86
C GLY D 207 -29.78 -29.39 -0.70
N THR D 208 -28.76 -30.20 -0.92
CA THR D 208 -27.81 -30.50 0.14
C THR D 208 -26.98 -29.28 0.50
N GLU D 209 -26.93 -28.96 1.79
CA GLU D 209 -26.15 -27.82 2.29
C GLU D 209 -25.33 -28.27 3.49
N SER D 210 -24.07 -28.66 3.24
CA SER D 210 -23.17 -29.03 4.32
C SER D 210 -22.08 -27.99 4.50
N ALA D 211 -21.67 -27.79 5.75
CA ALA D 211 -20.60 -26.88 6.09
C ALA D 211 -19.31 -27.65 6.41
N LEU D 212 -18.18 -27.04 6.06
CA LEU D 212 -16.86 -27.53 6.42
C LEU D 212 -16.15 -26.49 7.28
N GLU D 213 -15.63 -26.92 8.43
CA GLU D 213 -14.88 -25.99 9.27
C GLU D 213 -13.66 -25.50 8.49
N HIS D 214 -13.43 -24.19 8.51
CA HIS D 214 -12.35 -23.59 7.72
C HIS D 214 -11.00 -24.16 8.19
N GLY D 215 -10.31 -24.90 7.32
CA GLY D 215 -9.10 -25.60 7.70
C GLY D 215 -7.92 -25.56 6.74
N SER D 216 -6.99 -26.50 6.90
CA SER D 216 -5.84 -26.61 6.01
C SER D 216 -6.27 -27.00 4.59
N LYS D 217 -5.42 -26.66 3.62
CA LYS D 217 -5.78 -26.93 2.22
C LYS D 217 -5.99 -28.42 1.99
N THR D 218 -5.29 -29.25 2.75
CA THR D 218 -5.38 -30.69 2.62
C THR D 218 -6.68 -31.22 3.20
N LEU D 219 -7.07 -30.73 4.37
CA LEU D 219 -8.34 -31.12 4.95
C LEU D 219 -9.48 -30.67 4.07
N MET D 220 -9.37 -29.48 3.49
CA MET D 220 -10.39 -29.01 2.57
C MET D 220 -10.58 -29.99 1.41
N ALA D 221 -9.47 -30.38 0.77
CA ALA D 221 -9.51 -31.26 -0.42
C ALA D 221 -10.13 -32.63 -0.12
N THR D 222 -9.92 -33.18 1.07
CA THR D 222 -10.54 -34.45 1.40
C THR D 222 -12.05 -34.31 1.50
N ARG D 223 -12.52 -33.25 2.16
CA ARG D 223 -13.96 -33.08 2.25
C ARG D 223 -14.58 -32.93 0.87
N ILE D 224 -13.90 -32.23 -0.03
CA ILE D 224 -14.47 -32.06 -1.37
C ILE D 224 -14.52 -33.38 -2.12
N VAL D 225 -13.41 -34.12 -2.16
CA VAL D 225 -13.43 -35.42 -2.82
C VAL D 225 -14.46 -36.33 -2.15
N ASP D 226 -14.63 -36.22 -0.84
CA ASP D 226 -15.63 -37.04 -0.17
C ASP D 226 -17.01 -36.81 -0.77
N SER D 227 -17.38 -35.55 -0.95
CA SER D 227 -18.67 -35.23 -1.53
C SER D 227 -18.77 -35.76 -2.95
N ILE D 228 -17.63 -35.90 -3.64
CA ILE D 228 -17.66 -36.40 -5.01
C ILE D 228 -18.14 -37.84 -5.04
N ALA D 229 -17.48 -38.70 -4.24
CA ALA D 229 -17.87 -40.10 -4.20
C ALA D 229 -19.31 -40.25 -3.72
N ALA D 230 -19.65 -39.55 -2.63
CA ALA D 230 -20.99 -39.60 -2.09
C ALA D 230 -22.01 -39.25 -3.15
N PHE D 231 -21.71 -38.22 -3.93
CA PHE D 231 -22.62 -37.82 -4.99
C PHE D 231 -22.74 -38.89 -6.07
N LEU D 232 -21.60 -39.42 -6.52
CA LEU D 232 -21.62 -40.41 -7.60
C LEU D 232 -22.31 -41.71 -7.18
N LYS D 233 -22.36 -41.98 -5.88
CA LYS D 233 -23.08 -43.12 -5.32
C LYS D 233 -24.59 -42.93 -5.27
N SER D 234 -25.05 -41.67 -5.13
CA SER D 234 -26.48 -41.39 -4.97
C SER D 234 -27.31 -41.85 -6.17
N GLN D 235 -26.73 -41.94 -7.36
CA GLN D 235 -27.44 -42.49 -8.53
C GLN D 235 -27.82 -43.97 -8.40
#